data_8FD4
#
_entry.id   8FD4
#
_entity_poly.entity_id   1
_entity_poly.type   'polypeptide(L)'
_entity_poly.pdbx_seq_one_letter_code
;SCKVPFNECKYGADECCKGYVCSKRDGWCKYHIN
;
_entity_poly.pdbx_strand_id   A
#
# COMPACT_ATOMS: atom_id res chain seq x y z
N SER A 1 3.28 0.21 -13.03
CA SER A 1 1.99 -0.44 -12.97
C SER A 1 1.45 -0.46 -11.54
N CYS A 2 1.71 0.60 -10.80
CA CYS A 2 1.26 0.70 -9.42
C CYS A 2 0.76 2.12 -9.11
N LYS A 3 0.16 2.28 -7.94
CA LYS A 3 -0.37 3.58 -7.52
C LYS A 3 0.37 4.10 -6.29
N VAL A 4 0.35 5.41 -6.11
CA VAL A 4 1.02 6.03 -4.97
C VAL A 4 0.46 5.50 -3.66
N PRO A 5 1.29 5.59 -2.59
CA PRO A 5 0.90 5.12 -1.26
C PRO A 5 -0.18 6.00 -0.62
N PHE A 6 -0.15 7.29 -0.94
CA PHE A 6 -1.12 8.23 -0.41
C PHE A 6 -2.54 7.80 -0.75
N ASN A 7 -2.72 7.23 -1.92
CA ASN A 7 -4.03 6.76 -2.37
C ASN A 7 -4.52 5.60 -1.50
N GLU A 8 -5.59 4.96 -1.94
CA GLU A 8 -6.17 3.84 -1.21
C GLU A 8 -5.43 2.55 -1.53
N CYS A 9 -5.82 1.47 -0.88
CA CYS A 9 -5.20 0.16 -1.10
C CYS A 9 -6.18 -0.96 -0.79
N LYS A 10 -6.15 -2.01 -1.61
CA LYS A 10 -7.03 -3.16 -1.42
C LYS A 10 -6.32 -4.27 -0.64
N TYR A 11 -7.00 -4.77 0.39
CA TYR A 11 -6.43 -5.83 1.22
C TYR A 11 -5.98 -7.01 0.36
N GLY A 12 -4.68 -7.24 0.33
CA GLY A 12 -4.13 -8.33 -0.46
C GLY A 12 -3.68 -7.89 -1.83
N ALA A 13 -4.30 -6.85 -2.36
CA ALA A 13 -3.95 -6.33 -3.67
C ALA A 13 -2.46 -6.00 -3.75
N ASP A 14 -1.77 -6.63 -4.70
CA ASP A 14 -0.34 -6.41 -4.88
C ASP A 14 -0.09 -5.33 -5.91
N GLU A 15 -1.16 -4.71 -6.40
CA GLU A 15 -1.05 -3.66 -7.40
C GLU A 15 -0.14 -2.53 -6.91
N CYS A 16 -0.22 -2.24 -5.62
CA CYS A 16 0.60 -1.19 -5.03
C CYS A 16 2.07 -1.38 -5.37
N CYS A 17 2.85 -0.30 -5.23
CA CYS A 17 4.28 -0.36 -5.52
C CYS A 17 5.01 -1.19 -4.49
N LYS A 18 5.81 -2.14 -4.96
CA LYS A 18 6.57 -3.01 -4.07
C LYS A 18 7.40 -2.19 -3.09
N GLY A 19 7.55 -2.71 -1.88
CA GLY A 19 8.31 -2.01 -0.85
C GLY A 19 7.43 -1.46 0.25
N TYR A 20 6.16 -1.22 -0.07
CA TYR A 20 5.22 -0.69 0.91
C TYR A 20 4.26 -1.77 1.39
N VAL A 21 3.70 -1.57 2.58
CA VAL A 21 2.76 -2.52 3.15
C VAL A 21 1.34 -1.96 3.18
N CYS A 22 0.35 -2.84 3.04
CA CYS A 22 -1.04 -2.43 3.04
C CYS A 22 -1.65 -2.60 4.43
N SER A 23 -2.10 -1.50 5.03
CA SER A 23 -2.69 -1.54 6.36
C SER A 23 -4.09 -2.14 6.30
N LYS A 24 -4.36 -3.12 7.16
CA LYS A 24 -5.65 -3.77 7.21
C LYS A 24 -6.69 -2.87 7.86
N ARG A 25 -6.27 -2.10 8.86
CA ARG A 25 -7.16 -1.19 9.56
C ARG A 25 -7.37 0.09 8.76
N ASP A 26 -6.28 0.76 8.42
CA ASP A 26 -6.36 2.00 7.66
C ASP A 26 -6.83 1.73 6.22
N GLY A 27 -6.42 0.58 5.69
CA GLY A 27 -6.82 0.22 4.33
C GLY A 27 -6.11 1.06 3.29
N TRP A 28 -4.84 1.35 3.52
CA TRP A 28 -4.06 2.16 2.60
C TRP A 28 -2.61 1.66 2.53
N CYS A 29 -1.85 2.20 1.58
CA CYS A 29 -0.46 1.80 1.40
C CYS A 29 0.46 2.70 2.22
N LYS A 30 1.30 2.08 3.05
CA LYS A 30 2.23 2.82 3.89
C LYS A 30 3.61 2.17 3.87
N TYR A 31 4.59 2.84 4.47
CA TYR A 31 5.96 2.33 4.52
C TYR A 31 6.25 1.69 5.87
N HIS A 32 5.70 2.27 6.93
CA HIS A 32 5.90 1.74 8.27
C HIS A 32 5.57 0.25 8.33
N ILE A 33 6.26 -0.46 9.22
CA ILE A 33 6.05 -1.89 9.37
C ILE A 33 4.86 -2.18 10.30
N ASN A 34 4.19 -3.30 10.07
CA ASN A 34 3.04 -3.68 10.88
C ASN A 34 3.47 -4.59 12.02
N SER A 1 2.90 -1.35 -13.01
CA SER A 1 2.82 -0.01 -12.44
C SER A 1 2.15 -0.04 -11.07
N CYS A 2 2.44 0.96 -10.25
CA CYS A 2 1.87 1.05 -8.91
C CYS A 2 1.14 2.38 -8.72
N LYS A 3 0.43 2.49 -7.60
CA LYS A 3 -0.31 3.71 -7.28
C LYS A 3 0.28 4.41 -6.07
N VAL A 4 0.01 5.71 -5.96
CA VAL A 4 0.51 6.51 -4.85
C VAL A 4 0.03 5.94 -3.51
N PRO A 5 0.79 6.23 -2.43
CA PRO A 5 0.46 5.76 -1.08
C PRO A 5 -0.78 6.46 -0.52
N PHE A 6 -0.97 7.72 -0.90
CA PHE A 6 -2.12 8.49 -0.43
C PHE A 6 -3.42 7.81 -0.81
N ASN A 7 -3.44 7.17 -1.98
CA ASN A 7 -4.63 6.48 -2.46
C ASN A 7 -5.04 5.37 -1.50
N GLU A 8 -5.98 4.53 -1.93
CA GLU A 8 -6.46 3.42 -1.11
C GLU A 8 -5.79 2.12 -1.50
N CYS A 9 -5.93 1.11 -0.66
CA CYS A 9 -5.34 -0.20 -0.92
C CYS A 9 -6.31 -1.32 -0.55
N LYS A 10 -6.34 -2.36 -1.36
CA LYS A 10 -7.21 -3.51 -1.12
C LYS A 10 -6.44 -4.68 -0.53
N TYR A 11 -7.13 -5.51 0.25
CA TYR A 11 -6.51 -6.67 0.87
C TYR A 11 -5.86 -7.57 -0.18
N GLY A 12 -4.53 -7.61 -0.18
CA GLY A 12 -3.82 -8.45 -1.14
C GLY A 12 -3.52 -7.71 -2.43
N ALA A 13 -3.68 -6.40 -2.40
CA ALA A 13 -3.42 -5.57 -3.58
C ALA A 13 -2.03 -5.87 -4.16
N ASP A 14 -2.00 -6.24 -5.44
CA ASP A 14 -0.74 -6.55 -6.10
C ASP A 14 -0.18 -5.32 -6.82
N GLU A 15 -1.09 -4.48 -7.31
CA GLU A 15 -0.69 -3.26 -8.02
C GLU A 15 0.23 -2.41 -7.15
N CYS A 16 -0.01 -2.41 -5.85
CA CYS A 16 0.80 -1.64 -4.92
C CYS A 16 2.29 -1.91 -5.13
N CYS A 17 3.06 -0.85 -5.31
CA CYS A 17 4.50 -0.97 -5.52
C CYS A 17 5.13 -1.82 -4.43
N LYS A 18 6.20 -2.54 -4.79
CA LYS A 18 6.90 -3.39 -3.84
C LYS A 18 7.56 -2.55 -2.74
N GLY A 19 7.77 -3.17 -1.58
CA GLY A 19 8.39 -2.47 -0.47
C GLY A 19 7.37 -1.94 0.52
N TYR A 20 6.14 -1.73 0.05
CA TYR A 20 5.08 -1.21 0.90
C TYR A 20 4.02 -2.28 1.16
N VAL A 21 3.52 -2.32 2.39
CA VAL A 21 2.49 -3.30 2.76
C VAL A 21 1.14 -2.62 2.97
N CYS A 22 0.07 -3.36 2.69
CA CYS A 22 -1.29 -2.83 2.85
C CYS A 22 -1.65 -2.69 4.32
N SER A 23 -1.87 -1.46 4.76
CA SER A 23 -2.22 -1.18 6.15
C SER A 23 -3.70 -1.46 6.40
N LYS A 24 -3.97 -2.25 7.45
CA LYS A 24 -5.35 -2.59 7.80
C LYS A 24 -6.05 -1.40 8.44
N ARG A 25 -5.38 -0.76 9.39
CA ARG A 25 -5.95 0.39 10.08
C ARG A 25 -6.10 1.58 9.13
N ASP A 26 -5.01 1.93 8.46
CA ASP A 26 -5.02 3.05 7.52
C ASP A 26 -5.85 2.72 6.29
N GLY A 27 -5.75 1.48 5.81
CA GLY A 27 -6.50 1.07 4.66
C GLY A 27 -5.83 1.46 3.35
N TRP A 28 -4.58 1.90 3.45
CA TRP A 28 -3.82 2.32 2.27
C TRP A 28 -2.36 1.94 2.41
N CYS A 29 -1.67 1.79 1.27
CA CYS A 29 -0.27 1.43 1.26
C CYS A 29 0.57 2.46 2.01
N LYS A 30 1.39 1.98 2.94
CA LYS A 30 2.25 2.86 3.74
C LYS A 30 3.62 3.01 3.10
N TYR A 31 4.52 3.70 3.78
CA TYR A 31 5.88 3.91 3.29
C TYR A 31 6.83 2.86 3.83
N HIS A 32 8.10 2.97 3.48
CA HIS A 32 9.11 2.02 3.93
C HIS A 32 10.41 2.75 4.31
N ILE A 33 10.92 2.45 5.49
CA ILE A 33 12.15 3.07 5.98
C ILE A 33 13.38 2.28 5.53
N ASN A 34 14.49 2.98 5.37
CA ASN A 34 15.74 2.34 4.95
C ASN A 34 16.86 2.62 5.94
N SER A 1 3.68 -1.10 -13.21
CA SER A 1 2.49 -0.29 -12.99
C SER A 1 2.03 -0.38 -11.54
N CYS A 2 1.89 0.77 -10.90
CA CYS A 2 1.46 0.82 -9.51
C CYS A 2 0.86 2.18 -9.17
N LYS A 3 0.28 2.28 -7.98
CA LYS A 3 -0.33 3.52 -7.54
C LYS A 3 0.37 4.07 -6.29
N VAL A 4 0.25 5.38 -6.08
CA VAL A 4 0.88 6.02 -4.93
C VAL A 4 0.37 5.43 -3.62
N PRO A 5 1.18 5.54 -2.57
CA PRO A 5 0.83 5.02 -1.24
C PRO A 5 -0.29 5.83 -0.59
N PHE A 6 -0.31 7.13 -0.83
CA PHE A 6 -1.32 8.01 -0.26
C PHE A 6 -2.72 7.53 -0.65
N ASN A 7 -2.84 6.99 -1.86
CA ASN A 7 -4.12 6.50 -2.36
C ASN A 7 -4.67 5.40 -1.45
N GLU A 8 -5.72 4.73 -1.92
CA GLU A 8 -6.34 3.65 -1.15
C GLU A 8 -5.54 2.36 -1.31
N CYS A 9 -5.98 1.31 -0.61
CA CYS A 9 -5.31 0.02 -0.66
C CYS A 9 -6.30 -1.11 -0.42
N LYS A 10 -6.23 -2.14 -1.25
CA LYS A 10 -7.13 -3.29 -1.13
C LYS A 10 -6.36 -4.52 -0.62
N TYR A 11 -7.07 -5.37 0.11
CA TYR A 11 -6.46 -6.58 0.67
C TYR A 11 -6.09 -7.55 -0.44
N GLY A 12 -4.79 -7.83 -0.56
CA GLY A 12 -4.32 -8.76 -1.59
C GLY A 12 -3.84 -8.05 -2.84
N ALA A 13 -4.42 -6.88 -3.09
CA ALA A 13 -4.05 -6.09 -4.27
C ALA A 13 -2.53 -5.89 -4.34
N ASP A 14 -1.90 -6.53 -5.32
CA ASP A 14 -0.46 -6.42 -5.49
C ASP A 14 -0.11 -5.22 -6.37
N GLU A 15 -1.13 -4.44 -6.72
CA GLU A 15 -0.92 -3.26 -7.56
C GLU A 15 0.09 -2.31 -6.93
N CYS A 16 -0.01 -2.13 -5.62
CA CYS A 16 0.89 -1.25 -4.89
C CYS A 16 2.35 -1.63 -5.15
N CYS A 17 3.16 -0.63 -5.51
CA CYS A 17 4.57 -0.86 -5.79
C CYS A 17 5.24 -1.55 -4.63
N LYS A 18 6.10 -2.52 -4.93
CA LYS A 18 6.82 -3.28 -3.91
C LYS A 18 7.53 -2.33 -2.95
N GLY A 19 7.70 -2.78 -1.71
CA GLY A 19 8.36 -1.96 -0.71
C GLY A 19 7.39 -1.34 0.28
N TYR A 20 6.14 -1.20 -0.14
CA TYR A 20 5.12 -0.62 0.71
C TYR A 20 4.21 -1.70 1.29
N VAL A 21 3.66 -1.43 2.47
CA VAL A 21 2.76 -2.37 3.13
C VAL A 21 1.33 -1.86 3.15
N CYS A 22 0.38 -2.78 3.13
CA CYS A 22 -1.04 -2.43 3.14
C CYS A 22 -1.61 -2.51 4.57
N SER A 23 -2.08 -1.38 5.08
CA SER A 23 -2.64 -1.32 6.41
C SER A 23 -4.07 -1.85 6.42
N LYS A 24 -4.35 -2.78 7.34
CA LYS A 24 -5.67 -3.38 7.46
C LYS A 24 -6.64 -2.41 8.14
N ARG A 25 -6.13 -1.67 9.11
CA ARG A 25 -6.95 -0.71 9.85
C ARG A 25 -7.19 0.54 9.01
N ASP A 26 -6.11 1.19 8.59
CA ASP A 26 -6.20 2.41 7.79
C ASP A 26 -6.75 2.09 6.40
N GLY A 27 -6.39 0.92 5.89
CA GLY A 27 -6.85 0.52 4.56
C GLY A 27 -6.16 1.29 3.46
N TRP A 28 -4.87 1.56 3.64
CA TRP A 28 -4.09 2.30 2.65
C TRP A 28 -2.67 1.76 2.56
N CYS A 29 -1.93 2.23 1.57
CA CYS A 29 -0.55 1.79 1.37
C CYS A 29 0.42 2.71 2.12
N LYS A 30 1.27 2.11 2.95
CA LYS A 30 2.25 2.87 3.73
C LYS A 30 3.63 2.27 3.58
N TYR A 31 4.59 2.82 4.33
CA TYR A 31 5.96 2.33 4.28
C TYR A 31 6.47 1.97 5.67
N HIS A 32 7.19 0.86 5.77
CA HIS A 32 7.72 0.40 7.05
C HIS A 32 9.19 0.80 7.19
N ILE A 33 9.63 0.96 8.44
CA ILE A 33 11.01 1.35 8.71
C ILE A 33 11.91 0.13 8.78
N ASN A 34 13.19 0.32 8.43
CA ASN A 34 14.15 -0.77 8.45
C ASN A 34 14.29 -1.35 9.86
N SER A 1 0.96 -0.49 -13.98
CA SER A 1 1.63 0.59 -13.26
C SER A 1 1.09 0.72 -11.84
N CYS A 2 1.95 0.48 -10.86
CA CYS A 2 1.56 0.57 -9.46
C CYS A 2 0.93 1.92 -9.15
N LYS A 3 0.37 2.04 -7.95
CA LYS A 3 -0.26 3.29 -7.53
C LYS A 3 0.46 3.89 -6.32
N VAL A 4 0.30 5.20 -6.14
CA VAL A 4 0.94 5.90 -5.04
C VAL A 4 0.49 5.33 -3.69
N PRO A 5 1.34 5.50 -2.67
CA PRO A 5 1.04 5.00 -1.32
C PRO A 5 -0.09 5.78 -0.65
N PHE A 6 -0.19 7.07 -0.96
CA PHE A 6 -1.23 7.92 -0.40
C PHE A 6 -2.61 7.37 -0.72
N ASN A 7 -2.74 6.79 -1.90
CA ASN A 7 -4.02 6.23 -2.34
C ASN A 7 -4.49 5.13 -1.39
N GLU A 8 -5.52 4.40 -1.79
CA GLU A 8 -6.06 3.33 -0.97
C GLU A 8 -5.73 1.97 -1.58
N CYS A 9 -5.58 0.96 -0.73
CA CYS A 9 -5.26 -0.39 -1.18
C CYS A 9 -6.22 -1.41 -0.57
N LYS A 10 -6.63 -2.38 -1.38
CA LYS A 10 -7.55 -3.41 -0.93
C LYS A 10 -6.80 -4.68 -0.53
N TYR A 11 -7.42 -5.51 0.30
CA TYR A 11 -6.80 -6.74 0.76
C TYR A 11 -6.44 -7.63 -0.43
N GLY A 12 -5.15 -7.95 -0.54
CA GLY A 12 -4.69 -8.79 -1.64
C GLY A 12 -4.16 -7.99 -2.81
N ALA A 13 -4.69 -6.79 -2.98
CA ALA A 13 -4.26 -5.91 -4.07
C ALA A 13 -2.74 -5.77 -4.10
N ASP A 14 -2.11 -6.27 -5.15
CA ASP A 14 -0.67 -6.19 -5.29
C ASP A 14 -0.27 -4.96 -6.09
N GLU A 15 -1.24 -4.11 -6.40
CA GLU A 15 -0.99 -2.89 -7.15
C GLU A 15 0.05 -2.02 -6.45
N CYS A 16 0.01 -2.02 -5.12
CA CYS A 16 0.95 -1.23 -4.33
C CYS A 16 2.38 -1.53 -4.74
N CYS A 17 3.09 -0.49 -5.19
CA CYS A 17 4.48 -0.64 -5.61
C CYS A 17 5.31 -1.34 -4.54
N LYS A 18 6.26 -2.16 -4.96
CA LYS A 18 7.12 -2.89 -4.04
C LYS A 18 7.75 -1.94 -3.03
N GLY A 19 7.84 -2.39 -1.79
CA GLY A 19 8.44 -1.57 -0.75
C GLY A 19 7.40 -1.07 0.26
N TYR A 20 6.16 -1.00 -0.18
CA TYR A 20 5.07 -0.52 0.68
C TYR A 20 4.05 -1.62 0.92
N VAL A 21 3.45 -1.63 2.11
CA VAL A 21 2.44 -2.62 2.45
C VAL A 21 1.08 -1.98 2.64
N CYS A 22 0.03 -2.79 2.55
CA CYS A 22 -1.34 -2.30 2.70
C CYS A 22 -1.85 -2.55 4.13
N SER A 23 -2.12 -1.47 4.84
CA SER A 23 -2.61 -1.56 6.21
C SER A 23 -4.09 -1.95 6.24
N LYS A 24 -4.41 -2.97 7.02
CA LYS A 24 -5.78 -3.45 7.14
C LYS A 24 -6.61 -2.49 7.99
N ARG A 25 -5.99 -1.91 9.01
CA ARG A 25 -6.67 -0.98 9.89
C ARG A 25 -6.89 0.37 9.20
N ASP A 26 -5.81 1.01 8.80
CA ASP A 26 -5.88 2.29 8.13
C ASP A 26 -6.50 2.15 6.74
N GLY A 27 -6.23 1.01 6.09
CA GLY A 27 -6.77 0.77 4.77
C GLY A 27 -6.05 1.56 3.70
N TRP A 28 -4.75 1.75 3.88
CA TRP A 28 -3.95 2.50 2.92
C TRP A 28 -2.56 1.90 2.77
N CYS A 29 -1.80 2.38 1.79
CA CYS A 29 -0.45 1.89 1.55
C CYS A 29 0.57 2.69 2.34
N LYS A 30 1.39 1.99 3.11
CA LYS A 30 2.42 2.63 3.92
C LYS A 30 3.78 1.95 3.72
N TYR A 31 4.82 2.54 4.31
CA TYR A 31 6.16 1.98 4.21
C TYR A 31 6.61 1.39 5.53
N HIS A 32 7.87 0.95 5.58
CA HIS A 32 8.42 0.37 6.79
C HIS A 32 9.83 0.91 7.06
N ILE A 33 10.27 0.80 8.30
CA ILE A 33 11.59 1.27 8.69
C ILE A 33 12.68 0.28 8.27
N ASN A 34 13.85 0.81 7.95
CA ASN A 34 14.97 -0.02 7.53
C ASN A 34 15.85 -0.39 8.72
N SER A 1 2.18 -1.91 -13.51
CA SER A 1 1.99 -0.55 -13.01
C SER A 1 1.52 -0.56 -11.56
N CYS A 2 1.76 0.54 -10.86
CA CYS A 2 1.37 0.67 -9.46
C CYS A 2 0.83 2.06 -9.17
N LYS A 3 0.27 2.24 -7.98
CA LYS A 3 -0.27 3.53 -7.57
C LYS A 3 0.48 4.08 -6.37
N VAL A 4 0.37 5.39 -6.15
CA VAL A 4 1.04 6.04 -5.04
C VAL A 4 0.58 5.45 -3.70
N PRO A 5 1.44 5.59 -2.68
CA PRO A 5 1.16 5.07 -1.33
C PRO A 5 0.05 5.86 -0.64
N PHE A 6 -0.02 7.15 -0.92
CA PHE A 6 -1.02 8.02 -0.33
C PHE A 6 -2.43 7.53 -0.65
N ASN A 7 -2.59 6.96 -1.84
CA ASN A 7 -3.89 6.45 -2.27
C ASN A 7 -4.37 5.34 -1.34
N GLU A 8 -5.43 4.64 -1.75
CA GLU A 8 -5.98 3.56 -0.95
C GLU A 8 -5.68 2.20 -1.59
N CYS A 9 -5.44 1.21 -0.74
CA CYS A 9 -5.12 -0.13 -1.22
C CYS A 9 -5.97 -1.18 -0.49
N LYS A 10 -6.42 -2.19 -1.22
CA LYS A 10 -7.23 -3.26 -0.65
C LYS A 10 -6.37 -4.26 0.09
N TYR A 11 -6.93 -4.85 1.14
CA TYR A 11 -6.21 -5.84 1.95
C TYR A 11 -5.75 -7.00 1.08
N GLY A 12 -4.44 -7.12 0.91
CA GLY A 12 -3.89 -8.21 0.10
C GLY A 12 -3.48 -7.74 -1.28
N ALA A 13 -4.15 -6.72 -1.78
CA ALA A 13 -3.85 -6.19 -3.11
C ALA A 13 -2.37 -5.87 -3.25
N ASP A 14 -1.71 -6.52 -4.21
CA ASP A 14 -0.28 -6.31 -4.45
C ASP A 14 -0.06 -5.22 -5.49
N GLU A 15 -1.15 -4.57 -5.91
CA GLU A 15 -1.08 -3.51 -6.90
C GLU A 15 -0.14 -2.41 -6.45
N CYS A 16 -0.12 -2.15 -5.14
CA CYS A 16 0.73 -1.11 -4.57
C CYS A 16 2.18 -1.30 -5.01
N CYS A 17 2.89 -0.20 -5.17
CA CYS A 17 4.29 -0.24 -5.59
C CYS A 17 5.11 -1.09 -4.63
N LYS A 18 6.01 -1.91 -5.18
CA LYS A 18 6.86 -2.77 -4.38
C LYS A 18 7.57 -1.98 -3.30
N GLY A 19 7.58 -2.52 -2.08
CA GLY A 19 8.24 -1.84 -0.98
C GLY A 19 7.26 -1.32 0.05
N TYR A 20 6.03 -1.10 -0.37
CA TYR A 20 4.99 -0.59 0.51
C TYR A 20 3.98 -1.69 0.86
N VAL A 21 3.44 -1.62 2.07
CA VAL A 21 2.45 -2.61 2.52
C VAL A 21 1.07 -1.99 2.64
N CYS A 22 0.04 -2.80 2.41
CA CYS A 22 -1.34 -2.34 2.48
C CYS A 22 -1.94 -2.67 3.84
N SER A 23 -2.31 -1.64 4.59
CA SER A 23 -2.90 -1.81 5.91
C SER A 23 -4.37 -2.26 5.80
N LYS A 24 -4.70 -3.33 6.50
CA LYS A 24 -6.07 -3.85 6.49
C LYS A 24 -7.01 -2.97 7.30
N ARG A 25 -6.48 -2.42 8.39
CA ARG A 25 -7.28 -1.55 9.25
C ARG A 25 -7.42 -0.16 8.65
N ASP A 26 -6.29 0.48 8.39
CA ASP A 26 -6.27 1.82 7.80
C ASP A 26 -6.77 1.78 6.36
N GLY A 27 -6.48 0.70 5.66
CA GLY A 27 -6.90 0.56 4.28
C GLY A 27 -6.11 1.45 3.34
N TRP A 28 -4.82 1.60 3.63
CA TRP A 28 -3.95 2.44 2.80
C TRP A 28 -2.56 1.83 2.70
N CYS A 29 -1.73 2.40 1.82
CA CYS A 29 -0.36 1.91 1.64
C CYS A 29 0.60 2.63 2.57
N LYS A 30 1.53 1.89 3.14
CA LYS A 30 2.52 2.45 4.05
C LYS A 30 3.94 2.10 3.60
N TYR A 31 4.90 2.92 4.01
CA TYR A 31 6.30 2.70 3.66
C TYR A 31 7.12 2.28 4.87
N HIS A 32 7.91 1.22 4.70
CA HIS A 32 8.74 0.70 5.79
C HIS A 32 9.86 1.69 6.11
N ILE A 33 10.32 1.66 7.35
CA ILE A 33 11.39 2.55 7.79
C ILE A 33 12.76 1.93 7.53
N ASN A 34 13.76 2.77 7.32
CA ASN A 34 15.12 2.31 7.06
C ASN A 34 15.94 2.31 8.34
N SER A 1 1.92 -1.22 -13.97
CA SER A 1 1.97 0.11 -13.38
C SER A 1 1.39 0.10 -11.98
N CYS A 2 2.07 0.79 -11.06
CA CYS A 2 1.62 0.85 -9.67
C CYS A 2 1.08 2.23 -9.34
N LYS A 3 0.49 2.37 -8.16
CA LYS A 3 -0.07 3.64 -7.71
C LYS A 3 0.64 4.15 -6.47
N VAL A 4 0.58 5.46 -6.24
CA VAL A 4 1.22 6.06 -5.08
C VAL A 4 0.66 5.49 -3.79
N PRO A 5 1.47 5.56 -2.71
CA PRO A 5 1.08 5.05 -1.39
C PRO A 5 -0.02 5.89 -0.75
N PHE A 6 -0.01 7.19 -1.03
CA PHE A 6 -1.01 8.09 -0.48
C PHE A 6 -2.41 7.66 -0.86
N ASN A 7 -2.54 7.10 -2.06
CA ASN A 7 -3.84 6.64 -2.54
C ASN A 7 -4.41 5.56 -1.64
N GLU A 8 -5.47 4.90 -2.10
CA GLU A 8 -6.11 3.84 -1.32
C GLU A 8 -5.45 2.49 -1.60
N CYS A 9 -5.92 1.46 -0.91
CA CYS A 9 -5.38 0.12 -1.08
C CYS A 9 -6.41 -0.94 -0.69
N LYS A 10 -6.39 -2.06 -1.40
CA LYS A 10 -7.33 -3.15 -1.15
C LYS A 10 -6.65 -4.26 -0.34
N TYR A 11 -7.41 -4.88 0.56
CA TYR A 11 -6.89 -5.96 1.38
C TYR A 11 -6.46 -7.14 0.52
N GLY A 12 -5.15 -7.37 0.46
CA GLY A 12 -4.63 -8.47 -0.33
C GLY A 12 -4.15 -8.05 -1.70
N ALA A 13 -4.76 -6.98 -2.23
CA ALA A 13 -4.38 -6.46 -3.54
C ALA A 13 -2.88 -6.24 -3.63
N ASP A 14 -2.30 -6.65 -4.75
CA ASP A 14 -0.86 -6.49 -4.97
C ASP A 14 -0.57 -5.20 -5.71
N GLU A 15 -1.61 -4.39 -5.94
CA GLU A 15 -1.46 -3.13 -6.65
C GLU A 15 -0.41 -2.25 -5.97
N CYS A 16 -0.38 -2.31 -4.64
CA CYS A 16 0.56 -1.51 -3.86
C CYS A 16 1.99 -1.70 -4.38
N CYS A 17 2.59 -0.61 -4.86
CA CYS A 17 3.95 -0.65 -5.38
C CYS A 17 4.90 -1.30 -4.37
N LYS A 18 5.87 -2.04 -4.88
CA LYS A 18 6.85 -2.71 -4.03
C LYS A 18 7.54 -1.71 -3.10
N GLY A 19 7.96 -2.19 -1.94
CA GLY A 19 8.63 -1.33 -0.98
C GLY A 19 7.71 -0.87 0.13
N TYR A 20 6.41 -0.87 -0.14
CA TYR A 20 5.42 -0.45 0.84
C TYR A 20 4.48 -1.59 1.19
N VAL A 21 3.90 -1.52 2.39
CA VAL A 21 2.97 -2.56 2.84
C VAL A 21 1.55 -2.01 2.93
N CYS A 22 0.58 -2.89 2.72
CA CYS A 22 -0.83 -2.51 2.77
C CYS A 22 -1.43 -2.84 4.14
N SER A 23 -1.92 -1.80 4.81
CA SER A 23 -2.53 -1.98 6.14
C SER A 23 -4.01 -2.34 6.02
N LYS A 24 -4.41 -3.41 6.69
CA LYS A 24 -5.79 -3.86 6.67
C LYS A 24 -6.68 -2.95 7.51
N ARG A 25 -6.15 -2.51 8.65
CA ARG A 25 -6.90 -1.64 9.55
C ARG A 25 -7.26 -0.33 8.84
N ASP A 26 -6.25 0.43 8.45
CA ASP A 26 -6.46 1.71 7.77
C ASP A 26 -6.97 1.48 6.35
N GLY A 27 -6.52 0.40 5.72
CA GLY A 27 -6.94 0.09 4.37
C GLY A 27 -6.26 0.98 3.34
N TRP A 28 -4.99 1.27 3.55
CA TRP A 28 -4.24 2.12 2.64
C TRP A 28 -2.80 1.63 2.51
N CYS A 29 -2.06 2.23 1.58
CA CYS A 29 -0.67 1.85 1.35
C CYS A 29 0.27 2.68 2.23
N LYS A 30 1.11 2.00 2.99
CA LYS A 30 2.06 2.66 3.88
C LYS A 30 3.21 3.28 3.09
N TYR A 31 4.14 3.90 3.80
CA TYR A 31 5.29 4.54 3.16
C TYR A 31 6.60 4.02 3.75
N HIS A 32 7.71 4.44 3.17
CA HIS A 32 9.02 4.02 3.64
C HIS A 32 10.06 5.13 3.43
N ILE A 33 11.04 5.20 4.32
CA ILE A 33 12.08 6.21 4.24
C ILE A 33 13.40 5.60 3.75
N ASN A 34 14.16 6.37 2.99
CA ASN A 34 15.44 5.91 2.47
C ASN A 34 16.42 5.64 3.61
N SER A 1 3.48 -1.58 -12.97
CA SER A 1 2.63 -0.42 -12.72
C SER A 1 2.11 -0.43 -11.28
N CYS A 2 2.05 0.76 -10.68
CA CYS A 2 1.58 0.90 -9.31
C CYS A 2 1.02 2.29 -9.06
N LYS A 3 0.39 2.47 -7.91
CA LYS A 3 -0.18 3.76 -7.54
C LYS A 3 0.50 4.35 -6.32
N VAL A 4 0.40 5.67 -6.15
CA VAL A 4 1.01 6.35 -5.02
C VAL A 4 0.48 5.81 -3.70
N PRO A 5 1.29 5.96 -2.63
CA PRO A 5 0.93 5.49 -1.30
C PRO A 5 -0.21 6.31 -0.68
N PHE A 6 -0.27 7.59 -1.05
CA PHE A 6 -1.31 8.48 -0.53
C PHE A 6 -2.69 7.95 -0.88
N ASN A 7 -2.81 7.37 -2.07
CA ASN A 7 -4.08 6.82 -2.53
C ASN A 7 -4.57 5.71 -1.61
N GLU A 8 -5.60 5.00 -2.04
CA GLU A 8 -6.15 3.90 -1.25
C GLU A 8 -5.54 2.56 -1.66
N CYS A 9 -5.92 1.51 -0.96
CA CYS A 9 -5.40 0.17 -1.23
C CYS A 9 -6.28 -0.90 -0.60
N LYS A 10 -6.49 -1.99 -1.33
CA LYS A 10 -7.30 -3.09 -0.84
C LYS A 10 -6.46 -4.12 -0.09
N TYR A 11 -6.90 -4.48 1.11
CA TYR A 11 -6.19 -5.46 1.93
C TYR A 11 -5.89 -6.73 1.13
N GLY A 12 -4.61 -7.06 1.01
CA GLY A 12 -4.21 -8.24 0.27
C GLY A 12 -3.83 -7.93 -1.16
N ALA A 13 -4.43 -6.89 -1.72
CA ALA A 13 -4.15 -6.49 -3.10
C ALA A 13 -2.66 -6.28 -3.31
N ASP A 14 -2.15 -6.73 -4.46
CA ASP A 14 -0.74 -6.58 -4.79
C ASP A 14 -0.48 -5.28 -5.54
N GLU A 15 -1.53 -4.46 -5.67
CA GLU A 15 -1.41 -3.19 -6.36
C GLU A 15 -0.33 -2.32 -5.74
N CYS A 16 -0.20 -2.40 -4.42
CA CYS A 16 0.79 -1.61 -3.70
C CYS A 16 2.18 -1.81 -4.29
N CYS A 17 2.80 -0.71 -4.71
CA CYS A 17 4.12 -0.76 -5.31
C CYS A 17 5.10 -1.51 -4.40
N LYS A 18 6.04 -2.24 -5.01
CA LYS A 18 7.03 -3.00 -4.26
C LYS A 18 7.75 -2.10 -3.26
N GLY A 19 7.88 -2.59 -2.02
CA GLY A 19 8.54 -1.82 -0.99
C GLY A 19 7.58 -1.30 0.06
N TYR A 20 6.31 -1.16 -0.31
CA TYR A 20 5.30 -0.67 0.60
C TYR A 20 4.30 -1.77 0.95
N VAL A 21 3.74 -1.68 2.15
CA VAL A 21 2.77 -2.66 2.61
C VAL A 21 1.36 -2.07 2.69
N CYS A 22 0.35 -2.92 2.48
CA CYS A 22 -1.03 -2.47 2.51
C CYS A 22 -1.66 -2.75 3.88
N SER A 23 -2.04 -1.70 4.58
CA SER A 23 -2.65 -1.83 5.90
C SER A 23 -4.06 -2.42 5.80
N LYS A 24 -4.31 -3.46 6.58
CA LYS A 24 -5.62 -4.11 6.58
C LYS A 24 -6.65 -3.26 7.29
N ARG A 25 -6.23 -2.58 8.34
CA ARG A 25 -7.11 -1.73 9.12
C ARG A 25 -7.35 -0.39 8.42
N ASP A 26 -6.26 0.32 8.13
CA ASP A 26 -6.34 1.60 7.45
C ASP A 26 -6.81 1.43 6.01
N GLY A 27 -6.39 0.32 5.38
CA GLY A 27 -6.78 0.06 4.00
C GLY A 27 -6.07 0.98 3.02
N TRP A 28 -4.79 1.24 3.29
CA TRP A 28 -4.00 2.11 2.42
C TRP A 28 -2.56 1.61 2.33
N CYS A 29 -1.79 2.22 1.43
CA CYS A 29 -0.39 1.84 1.24
C CYS A 29 0.51 2.64 2.17
N LYS A 30 1.41 1.93 2.86
CA LYS A 30 2.34 2.58 3.78
C LYS A 30 3.70 1.90 3.74
N TYR A 31 4.63 2.39 4.56
CA TYR A 31 5.97 1.83 4.61
C TYR A 31 6.31 1.37 6.03
N HIS A 32 7.01 0.23 6.13
CA HIS A 32 7.39 -0.32 7.42
C HIS A 32 8.12 0.73 8.25
N ILE A 33 7.79 0.79 9.54
CA ILE A 33 8.42 1.75 10.44
C ILE A 33 9.73 1.19 11.01
N ASN A 34 10.74 2.04 11.09
CA ASN A 34 12.03 1.64 11.62
C ASN A 34 12.12 1.90 13.12
N SER A 1 1.87 -1.78 -13.58
CA SER A 1 2.18 -0.52 -12.92
C SER A 1 1.69 -0.52 -11.48
N CYS A 2 1.88 0.61 -10.80
CA CYS A 2 1.45 0.74 -9.41
C CYS A 2 0.89 2.14 -9.15
N LYS A 3 0.30 2.31 -7.97
CA LYS A 3 -0.28 3.60 -7.59
C LYS A 3 0.45 4.19 -6.38
N VAL A 4 0.33 5.51 -6.23
CA VAL A 4 0.98 6.20 -5.11
C VAL A 4 0.50 5.66 -3.77
N PRO A 5 1.32 5.82 -2.74
CA PRO A 5 0.99 5.36 -1.39
C PRO A 5 -0.13 6.18 -0.75
N PHE A 6 -0.18 7.46 -1.09
CA PHE A 6 -1.21 8.35 -0.55
C PHE A 6 -2.60 7.84 -0.87
N ASN A 7 -2.74 7.22 -2.04
CA ASN A 7 -4.03 6.68 -2.47
C ASN A 7 -4.53 5.61 -1.50
N GLU A 8 -5.57 4.88 -1.90
CA GLU A 8 -6.13 3.84 -1.06
C GLU A 8 -5.77 2.45 -1.60
N CYS A 9 -5.63 1.49 -0.71
CA CYS A 9 -5.30 0.12 -1.09
C CYS A 9 -6.08 -0.89 -0.27
N LYS A 10 -6.47 -1.99 -0.90
CA LYS A 10 -7.23 -3.03 -0.23
C LYS A 10 -6.29 -4.05 0.43
N TYR A 11 -6.80 -4.77 1.42
CA TYR A 11 -6.02 -5.78 2.13
C TYR A 11 -5.59 -6.90 1.19
N GLY A 12 -4.28 -7.11 1.09
CA GLY A 12 -3.76 -8.15 0.23
C GLY A 12 -3.39 -7.64 -1.15
N ALA A 13 -4.08 -6.59 -1.58
CA ALA A 13 -3.82 -6.00 -2.90
C ALA A 13 -2.35 -5.66 -3.07
N ASP A 14 -1.65 -6.45 -3.88
CA ASP A 14 -0.23 -6.23 -4.13
C ASP A 14 -0.02 -5.23 -5.26
N GLU A 15 -1.12 -4.66 -5.74
CA GLU A 15 -1.05 -3.69 -6.83
C GLU A 15 -0.13 -2.53 -6.46
N CYS A 16 -0.14 -2.15 -5.19
CA CYS A 16 0.70 -1.05 -4.71
C CYS A 16 2.15 -1.26 -5.13
N CYS A 17 2.91 -0.16 -5.16
CA CYS A 17 4.32 -0.21 -5.54
C CYS A 17 5.11 -1.09 -4.59
N LYS A 18 5.92 -1.99 -5.14
CA LYS A 18 6.74 -2.89 -4.34
C LYS A 18 7.54 -2.12 -3.30
N GLY A 19 7.70 -2.70 -2.12
CA GLY A 19 8.46 -2.05 -1.06
C GLY A 19 7.58 -1.61 0.09
N TYR A 20 6.29 -1.41 -0.19
CA TYR A 20 5.34 -0.98 0.83
C TYR A 20 4.27 -2.04 1.06
N VAL A 21 3.61 -1.95 2.20
CA VAL A 21 2.54 -2.90 2.54
C VAL A 21 1.20 -2.21 2.68
N CYS A 22 0.12 -2.93 2.37
CA CYS A 22 -1.22 -2.38 2.45
C CYS A 22 -1.88 -2.75 3.78
N SER A 23 -2.17 -1.74 4.58
CA SER A 23 -2.81 -1.95 5.88
C SER A 23 -4.26 -2.39 5.72
N LYS A 24 -4.61 -3.48 6.38
CA LYS A 24 -5.98 -4.01 6.32
C LYS A 24 -6.93 -3.14 7.13
N ARG A 25 -6.45 -2.62 8.26
CA ARG A 25 -7.27 -1.78 9.12
C ARG A 25 -7.53 -0.43 8.48
N ASP A 26 -6.45 0.32 8.23
CA ASP A 26 -6.56 1.64 7.61
C ASP A 26 -7.02 1.53 6.16
N GLY A 27 -6.59 0.45 5.50
CA GLY A 27 -6.95 0.25 4.11
C GLY A 27 -6.18 1.13 3.16
N TRP A 28 -4.90 1.34 3.46
CA TRP A 28 -4.04 2.19 2.63
C TRP A 28 -2.62 1.62 2.57
N CYS A 29 -1.81 2.19 1.68
CA CYS A 29 -0.44 1.75 1.52
C CYS A 29 0.50 2.53 2.45
N LYS A 30 1.33 1.80 3.19
CA LYS A 30 2.27 2.44 4.12
C LYS A 30 3.57 1.63 4.19
N TYR A 31 4.61 2.25 4.75
CA TYR A 31 5.90 1.60 4.87
C TYR A 31 6.06 0.99 6.27
N HIS A 32 6.74 -0.15 6.33
CA HIS A 32 6.98 -0.83 7.60
C HIS A 32 8.43 -0.70 8.03
N ILE A 33 8.66 -0.71 9.34
CA ILE A 33 10.01 -0.58 9.88
C ILE A 33 10.76 -1.91 9.77
N ASN A 34 12.08 -1.82 9.61
CA ASN A 34 12.91 -3.01 9.49
C ASN A 34 14.04 -2.99 10.53
N SER A 1 2.79 -1.90 -12.33
CA SER A 1 2.13 -0.60 -12.20
C SER A 1 1.47 -0.47 -10.82
N CYS A 2 1.85 0.56 -10.08
CA CYS A 2 1.30 0.80 -8.76
C CYS A 2 0.73 2.21 -8.65
N LYS A 3 0.05 2.49 -7.55
CA LYS A 3 -0.55 3.80 -7.32
C LYS A 3 0.10 4.49 -6.13
N VAL A 4 -0.13 5.79 -6.01
CA VAL A 4 0.43 6.57 -4.92
C VAL A 4 0.00 6.03 -3.57
N PRO A 5 0.81 6.31 -2.52
CA PRO A 5 0.52 5.85 -1.17
C PRO A 5 -0.68 6.57 -0.55
N PHE A 6 -0.87 7.82 -0.93
CA PHE A 6 -1.98 8.62 -0.43
C PHE A 6 -3.32 7.96 -0.76
N ASN A 7 -3.39 7.33 -1.92
CA ASN A 7 -4.61 6.66 -2.37
C ASN A 7 -4.96 5.51 -1.43
N GLU A 8 -5.92 4.69 -1.85
CA GLU A 8 -6.35 3.54 -1.05
C GLU A 8 -5.82 2.25 -1.65
N CYS A 9 -5.66 1.24 -0.79
CA CYS A 9 -5.16 -0.06 -1.23
C CYS A 9 -6.06 -1.19 -0.72
N LYS A 10 -6.28 -2.19 -1.56
CA LYS A 10 -7.11 -3.32 -1.19
C LYS A 10 -6.32 -4.34 -0.37
N TYR A 11 -7.04 -5.21 0.34
CA TYR A 11 -6.41 -6.22 1.17
C TYR A 11 -5.91 -7.38 0.32
N GLY A 12 -4.59 -7.57 0.28
CA GLY A 12 -4.00 -8.64 -0.50
C GLY A 12 -3.53 -8.18 -1.87
N ALA A 13 -4.19 -7.15 -2.39
CA ALA A 13 -3.84 -6.62 -3.70
C ALA A 13 -2.35 -6.29 -3.78
N ASP A 14 -1.70 -6.78 -4.83
CA ASP A 14 -0.28 -6.54 -5.02
C ASP A 14 -0.04 -5.30 -5.90
N GLU A 15 -1.12 -4.61 -6.23
CA GLU A 15 -1.03 -3.40 -7.05
C GLU A 15 -0.09 -2.38 -6.42
N CYS A 16 -0.10 -2.32 -5.10
CA CYS A 16 0.76 -1.38 -4.37
C CYS A 16 2.21 -1.52 -4.83
N CYS A 17 2.95 -0.41 -4.77
CA CYS A 17 4.35 -0.40 -5.17
C CYS A 17 5.16 -1.41 -4.34
N LYS A 18 5.86 -2.31 -5.03
CA LYS A 18 6.67 -3.32 -4.37
C LYS A 18 7.62 -2.69 -3.36
N GLY A 19 7.64 -3.23 -2.15
CA GLY A 19 8.51 -2.70 -1.11
C GLY A 19 7.74 -1.97 -0.04
N TYR A 20 6.44 -2.22 0.04
CA TYR A 20 5.59 -1.58 1.03
C TYR A 20 4.43 -2.49 1.44
N VAL A 21 3.86 -2.23 2.61
CA VAL A 21 2.75 -3.02 3.11
C VAL A 21 1.45 -2.22 3.08
N CYS A 22 0.34 -2.91 2.81
CA CYS A 22 -0.96 -2.27 2.76
C CYS A 22 -1.71 -2.43 4.08
N SER A 23 -1.98 -1.32 4.75
CA SER A 23 -2.67 -1.34 6.03
C SER A 23 -4.11 -1.82 5.85
N LYS A 24 -4.51 -2.80 6.65
CA LYS A 24 -5.86 -3.34 6.59
C LYS A 24 -6.87 -2.37 7.19
N ARG A 25 -6.45 -1.67 8.25
CA ARG A 25 -7.32 -0.71 8.92
C ARG A 25 -7.37 0.60 8.15
N ASP A 26 -6.21 1.20 7.92
CA ASP A 26 -6.11 2.46 7.19
C ASP A 26 -6.49 2.27 5.73
N GLY A 27 -6.15 1.11 5.18
CA GLY A 27 -6.46 0.82 3.78
C GLY A 27 -5.60 1.61 2.83
N TRP A 28 -4.32 1.76 3.17
CA TRP A 28 -3.38 2.50 2.33
C TRP A 28 -2.01 1.85 2.35
N CYS A 29 -1.11 2.33 1.50
CA CYS A 29 0.24 1.79 1.41
C CYS A 29 1.16 2.48 2.42
N LYS A 30 1.95 1.68 3.13
CA LYS A 30 2.88 2.21 4.12
C LYS A 30 4.16 2.71 3.47
N TYR A 31 5.02 3.34 4.26
CA TYR A 31 6.28 3.87 3.75
C TYR A 31 7.46 3.27 4.50
N HIS A 32 8.66 3.74 4.19
CA HIS A 32 9.88 3.26 4.84
C HIS A 32 11.03 4.23 4.63
N ILE A 33 11.71 4.58 5.72
CA ILE A 33 12.84 5.49 5.65
C ILE A 33 14.04 4.84 4.97
N ASN A 34 14.82 5.64 4.25
CA ASN A 34 16.00 5.15 3.56
C ASN A 34 17.01 4.56 4.55
N SER A 1 2.37 0.85 -13.48
CA SER A 1 1.28 -0.07 -13.23
C SER A 1 0.71 0.12 -11.82
N CYS A 2 1.59 0.26 -10.85
CA CYS A 2 1.18 0.45 -9.46
C CYS A 2 0.71 1.89 -9.22
N LYS A 3 0.15 2.14 -8.05
CA LYS A 3 -0.34 3.47 -7.70
C LYS A 3 0.44 4.04 -6.53
N VAL A 4 0.36 5.36 -6.36
CA VAL A 4 1.06 6.03 -5.27
C VAL A 4 0.61 5.48 -3.92
N PRO A 5 1.48 5.63 -2.90
CA PRO A 5 1.20 5.18 -1.54
C PRO A 5 0.12 6.01 -0.86
N PHE A 6 0.02 7.28 -1.24
CA PHE A 6 -0.96 8.18 -0.67
C PHE A 6 -2.38 7.69 -0.96
N ASN A 7 -2.57 7.10 -2.13
CA ASN A 7 -3.87 6.58 -2.52
C ASN A 7 -4.35 5.50 -1.56
N GLU A 8 -5.41 4.81 -1.94
CA GLU A 8 -5.97 3.74 -1.10
C GLU A 8 -5.54 2.37 -1.61
N CYS A 9 -5.56 1.39 -0.72
CA CYS A 9 -5.17 0.03 -1.07
C CYS A 9 -6.08 -0.99 -0.40
N LYS A 10 -6.56 -1.96 -1.19
CA LYS A 10 -7.45 -3.00 -0.67
C LYS A 10 -6.65 -4.10 0.01
N TYR A 11 -7.21 -4.66 1.07
CA TYR A 11 -6.55 -5.72 1.82
C TYR A 11 -6.12 -6.85 0.88
N GLY A 12 -4.81 -7.10 0.83
CA GLY A 12 -4.30 -8.15 -0.03
C GLY A 12 -3.86 -7.64 -1.38
N ALA A 13 -4.50 -6.56 -1.84
CA ALA A 13 -4.18 -5.97 -3.14
C ALA A 13 -2.67 -5.70 -3.25
N ASP A 14 -2.05 -6.32 -4.24
CA ASP A 14 -0.61 -6.15 -4.47
C ASP A 14 -0.36 -5.01 -5.45
N GLU A 15 -1.42 -4.32 -5.84
CA GLU A 15 -1.29 -3.21 -6.78
C GLU A 15 -0.31 -2.17 -6.27
N CYS A 16 -0.32 -1.94 -4.95
CA CYS A 16 0.57 -0.97 -4.34
C CYS A 16 2.02 -1.22 -4.74
N CYS A 17 2.73 -0.14 -5.08
CA CYS A 17 4.13 -0.26 -5.48
C CYS A 17 4.94 -1.05 -4.46
N LYS A 18 5.71 -2.01 -4.94
CA LYS A 18 6.53 -2.84 -4.07
C LYS A 18 7.39 -1.98 -3.14
N GLY A 19 7.63 -2.48 -1.94
CA GLY A 19 8.44 -1.74 -0.98
C GLY A 19 7.62 -1.24 0.20
N TYR A 20 6.32 -1.09 -0.01
CA TYR A 20 5.43 -0.61 1.04
C TYR A 20 4.46 -1.70 1.48
N VAL A 21 3.84 -1.51 2.64
CA VAL A 21 2.90 -2.48 3.17
C VAL A 21 1.47 -1.94 3.12
N CYS A 22 0.52 -2.81 2.77
CA CYS A 22 -0.88 -2.41 2.69
C CYS A 22 -1.62 -2.78 3.97
N SER A 23 -2.12 -1.76 4.67
CA SER A 23 -2.86 -1.98 5.92
C SER A 23 -4.22 -2.60 5.64
N LYS A 24 -4.52 -3.69 6.34
CA LYS A 24 -5.79 -4.38 6.18
C LYS A 24 -6.93 -3.60 6.84
N ARG A 25 -6.63 -2.96 7.97
CA ARG A 25 -7.61 -2.18 8.70
C ARG A 25 -7.80 -0.80 8.05
N ASP A 26 -6.71 -0.07 7.91
CA ASP A 26 -6.75 1.26 7.32
C ASP A 26 -7.07 1.18 5.83
N GLY A 27 -6.58 0.12 5.19
CA GLY A 27 -6.83 -0.06 3.76
C GLY A 27 -6.04 0.93 2.92
N TRP A 28 -4.82 1.20 3.33
CA TRP A 28 -3.96 2.14 2.59
C TRP A 28 -2.51 1.68 2.61
N CYS A 29 -1.67 2.35 1.83
CA CYS A 29 -0.26 2.02 1.76
C CYS A 29 0.55 2.80 2.79
N LYS A 30 1.31 2.09 3.61
CA LYS A 30 2.13 2.72 4.64
C LYS A 30 3.55 2.96 4.13
N TYR A 31 4.39 3.51 5.01
CA TYR A 31 5.77 3.79 4.65
C TYR A 31 6.70 2.68 5.11
N HIS A 32 7.98 2.80 4.77
CA HIS A 32 8.97 1.80 5.16
C HIS A 32 10.33 2.45 5.38
N ILE A 33 10.96 2.15 6.51
CA ILE A 33 12.27 2.70 6.83
C ILE A 33 13.38 1.84 6.24
N ASN A 34 14.51 2.47 5.93
CA ASN A 34 15.66 1.78 5.37
C ASN A 34 16.59 1.28 6.47
N SER A 1 3.66 -1.19 -13.21
CA SER A 1 2.93 0.01 -12.82
C SER A 1 2.44 -0.09 -11.38
N CYS A 2 2.24 1.06 -10.75
CA CYS A 2 1.77 1.10 -9.37
C CYS A 2 1.12 2.44 -9.04
N LYS A 3 0.51 2.53 -7.87
CA LYS A 3 -0.15 3.77 -7.44
C LYS A 3 0.54 4.35 -6.22
N VAL A 4 0.38 5.66 -6.02
CA VAL A 4 0.98 6.35 -4.88
C VAL A 4 0.50 5.75 -3.56
N PRO A 5 1.31 5.91 -2.51
CA PRO A 5 0.99 5.39 -1.18
C PRO A 5 -0.16 6.14 -0.53
N PHE A 6 -0.28 7.43 -0.86
CA PHE A 6 -1.34 8.26 -0.30
C PHE A 6 -2.72 7.71 -0.69
N ASN A 7 -2.81 7.14 -1.88
CA ASN A 7 -4.06 6.59 -2.37
C ASN A 7 -4.57 5.49 -1.45
N GLU A 8 -5.61 4.77 -1.89
CA GLU A 8 -6.18 3.69 -1.09
C GLU A 8 -5.82 2.33 -1.69
N CYS A 9 -5.61 1.36 -0.81
CA CYS A 9 -5.25 0.01 -1.24
C CYS A 9 -6.04 -1.04 -0.46
N LYS A 10 -6.46 -2.09 -1.15
CA LYS A 10 -7.23 -3.16 -0.53
C LYS A 10 -6.32 -4.11 0.25
N TYR A 11 -6.89 -4.78 1.24
CA TYR A 11 -6.12 -5.72 2.06
C TYR A 11 -5.64 -6.90 1.23
N GLY A 12 -4.32 -7.07 1.15
CA GLY A 12 -3.76 -8.17 0.39
C GLY A 12 -3.40 -7.77 -1.02
N ALA A 13 -4.11 -6.79 -1.56
CA ALA A 13 -3.85 -6.31 -2.91
C ALA A 13 -2.38 -5.97 -3.11
N ASP A 14 -1.71 -6.73 -3.96
CA ASP A 14 -0.29 -6.51 -4.24
C ASP A 14 -0.11 -5.49 -5.36
N GLU A 15 -1.21 -4.90 -5.80
CA GLU A 15 -1.17 -3.90 -6.87
C GLU A 15 -0.24 -2.75 -6.50
N CYS A 16 -0.24 -2.38 -5.22
CA CYS A 16 0.60 -1.29 -4.74
C CYS A 16 2.05 -1.50 -5.16
N CYS A 17 2.81 -0.41 -5.24
CA CYS A 17 4.21 -0.48 -5.62
C CYS A 17 4.99 -1.42 -4.71
N LYS A 18 6.10 -1.95 -5.21
CA LYS A 18 6.94 -2.86 -4.44
C LYS A 18 7.70 -2.11 -3.34
N GLY A 19 7.75 -2.70 -2.16
CA GLY A 19 8.45 -2.07 -1.05
C GLY A 19 7.51 -1.57 0.03
N TYR A 20 6.26 -1.32 -0.35
CA TYR A 20 5.26 -0.82 0.58
C TYR A 20 4.18 -1.88 0.84
N VAL A 21 3.64 -1.87 2.05
CA VAL A 21 2.61 -2.84 2.42
C VAL A 21 1.26 -2.14 2.57
N CYS A 22 0.19 -2.89 2.33
CA CYS A 22 -1.17 -2.34 2.44
C CYS A 22 -1.78 -2.70 3.80
N SER A 23 -2.08 -1.67 4.59
CA SER A 23 -2.67 -1.86 5.91
C SER A 23 -4.17 -2.11 5.80
N LYS A 24 -4.63 -3.18 6.45
CA LYS A 24 -6.04 -3.53 6.43
C LYS A 24 -6.84 -2.61 7.35
N ARG A 25 -6.25 -2.24 8.47
CA ARG A 25 -6.91 -1.36 9.44
C ARG A 25 -7.27 -0.02 8.78
N ASP A 26 -6.25 0.70 8.35
CA ASP A 26 -6.46 2.00 7.71
C ASP A 26 -7.00 1.82 6.29
N GLY A 27 -6.57 0.75 5.63
CA GLY A 27 -7.01 0.49 4.28
C GLY A 27 -6.24 1.29 3.24
N TRP A 28 -4.95 1.49 3.50
CA TRP A 28 -4.11 2.25 2.59
C TRP A 28 -2.70 1.65 2.53
N CYS A 29 -1.90 2.13 1.59
CA CYS A 29 -0.53 1.65 1.42
C CYS A 29 0.44 2.48 2.25
N LYS A 30 1.22 1.82 3.09
CA LYS A 30 2.20 2.49 3.93
C LYS A 30 3.34 3.06 3.10
N TYR A 31 4.27 3.75 3.75
CA TYR A 31 5.41 4.34 3.08
C TYR A 31 6.70 4.09 3.85
N HIS A 32 7.65 3.41 3.20
CA HIS A 32 8.93 3.11 3.82
C HIS A 32 9.70 4.39 4.14
N ILE A 33 10.44 4.37 5.25
CA ILE A 33 11.21 5.52 5.66
C ILE A 33 12.56 5.57 4.93
N ASN A 34 13.02 6.78 4.62
CA ASN A 34 14.29 6.95 3.93
C ASN A 34 15.04 8.16 4.47
N SER A 1 2.81 1.63 -13.31
CA SER A 1 2.32 0.33 -12.87
C SER A 1 1.63 0.44 -11.51
N CYS A 2 2.38 0.82 -10.49
CA CYS A 2 1.84 0.97 -9.14
C CYS A 2 1.24 2.36 -8.95
N LYS A 3 0.55 2.56 -7.84
CA LYS A 3 -0.07 3.84 -7.53
C LYS A 3 0.56 4.46 -6.28
N VAL A 4 0.34 5.76 -6.11
CA VAL A 4 0.89 6.49 -4.96
C VAL A 4 0.38 5.88 -3.65
N PRO A 5 1.14 6.08 -2.57
CA PRO A 5 0.80 5.58 -1.24
C PRO A 5 -0.41 6.29 -0.64
N PHE A 6 -0.57 7.56 -0.98
CA PHE A 6 -1.69 8.35 -0.48
C PHE A 6 -3.02 7.74 -0.91
N ASN A 7 -3.04 7.12 -2.08
CA ASN A 7 -4.24 6.50 -2.60
C ASN A 7 -4.75 5.42 -1.65
N GLU A 8 -5.71 4.63 -2.12
CA GLU A 8 -6.29 3.55 -1.32
C GLU A 8 -5.64 2.21 -1.66
N CYS A 9 -5.80 1.24 -0.76
CA CYS A 9 -5.23 -0.09 -0.97
C CYS A 9 -6.27 -1.17 -0.72
N LYS A 10 -6.34 -2.13 -1.64
CA LYS A 10 -7.30 -3.22 -1.52
C LYS A 10 -6.60 -4.51 -1.12
N TYR A 11 -7.13 -5.19 -0.11
CA TYR A 11 -6.56 -6.45 0.36
C TYR A 11 -6.38 -7.43 -0.79
N GLY A 12 -5.18 -7.96 -0.93
CA GLY A 12 -4.90 -8.92 -1.99
C GLY A 12 -4.34 -8.26 -3.24
N ALA A 13 -4.71 -7.00 -3.45
CA ALA A 13 -4.24 -6.25 -4.61
C ALA A 13 -2.72 -6.07 -4.57
N ASP A 14 -2.04 -6.57 -5.59
CA ASP A 14 -0.59 -6.46 -5.67
C ASP A 14 -0.18 -5.22 -6.44
N GLU A 15 -1.17 -4.39 -6.80
CA GLU A 15 -0.90 -3.17 -7.55
C GLU A 15 0.08 -2.28 -6.80
N CYS A 16 -0.03 -2.26 -5.47
CA CYS A 16 0.84 -1.45 -4.64
C CYS A 16 2.31 -1.72 -4.96
N CYS A 17 3.08 -0.65 -5.14
CA CYS A 17 4.50 -0.78 -5.46
C CYS A 17 5.20 -1.69 -4.46
N LYS A 18 5.99 -2.62 -4.98
CA LYS A 18 6.72 -3.57 -4.14
C LYS A 18 7.52 -2.82 -3.06
N GLY A 19 7.58 -3.41 -1.87
CA GLY A 19 8.31 -2.79 -0.78
C GLY A 19 7.41 -2.04 0.18
N TYR A 20 6.24 -1.63 -0.31
CA TYR A 20 5.28 -0.90 0.52
C TYR A 20 4.32 -1.85 1.21
N VAL A 21 3.92 -1.50 2.43
CA VAL A 21 3.00 -2.32 3.21
C VAL A 21 1.66 -1.62 3.40
N CYS A 22 0.58 -2.40 3.33
CA CYS A 22 -0.76 -1.86 3.49
C CYS A 22 -1.25 -2.04 4.93
N SER A 23 -1.75 -0.96 5.53
CA SER A 23 -2.24 -1.00 6.90
C SER A 23 -3.66 -1.56 6.94
N LYS A 24 -3.89 -2.54 7.80
CA LYS A 24 -5.20 -3.16 7.94
C LYS A 24 -6.14 -2.26 8.73
N ARG A 25 -5.57 -1.46 9.63
CA ARG A 25 -6.36 -0.56 10.45
C ARG A 25 -7.31 0.27 9.58
N ASP A 26 -6.75 1.08 8.70
CA ASP A 26 -7.55 1.92 7.81
C ASP A 26 -7.78 1.23 6.47
N GLY A 27 -6.77 0.48 6.02
CA GLY A 27 -6.89 -0.22 4.75
C GLY A 27 -6.35 0.59 3.59
N TRP A 28 -5.13 1.10 3.74
CA TRP A 28 -4.50 1.90 2.71
C TRP A 28 -3.06 1.46 2.48
N CYS A 29 -2.42 2.02 1.45
CA CYS A 29 -1.04 1.69 1.14
C CYS A 29 -0.07 2.62 1.86
N LYS A 30 0.87 2.05 2.59
CA LYS A 30 1.86 2.83 3.34
C LYS A 30 3.27 2.48 2.90
N TYR A 31 4.18 3.44 3.02
CA TYR A 31 5.57 3.23 2.63
C TYR A 31 6.50 3.35 3.84
N HIS A 32 7.22 2.26 4.13
CA HIS A 32 8.14 2.24 5.26
C HIS A 32 7.41 2.53 6.56
N ILE A 33 6.16 2.07 6.64
CA ILE A 33 5.35 2.28 7.84
C ILE A 33 5.08 0.95 8.55
N ASN A 34 5.21 0.96 9.88
CA ASN A 34 4.98 -0.24 10.67
C ASN A 34 3.52 -0.67 10.60
N SER A 1 2.13 -0.76 -13.95
CA SER A 1 2.00 0.57 -13.38
C SER A 1 1.42 0.50 -11.98
N CYS A 2 2.16 1.03 -11.00
CA CYS A 2 1.72 1.04 -9.62
C CYS A 2 1.13 2.39 -9.24
N LYS A 3 0.53 2.44 -8.05
CA LYS A 3 -0.09 3.68 -7.57
C LYS A 3 0.63 4.20 -6.33
N VAL A 4 0.50 5.49 -6.06
CA VAL A 4 1.13 6.11 -4.90
C VAL A 4 0.66 5.46 -3.61
N PRO A 5 1.49 5.56 -2.56
CA PRO A 5 1.17 4.99 -1.25
C PRO A 5 0.04 5.74 -0.55
N PHE A 6 -0.05 7.03 -0.80
CA PHE A 6 -1.09 7.86 -0.20
C PHE A 6 -2.48 7.34 -0.55
N ASN A 7 -2.62 6.81 -1.77
CA ASN A 7 -3.89 6.28 -2.23
C ASN A 7 -4.34 5.10 -1.35
N GLU A 8 -5.36 4.39 -1.80
CA GLU A 8 -5.88 3.25 -1.06
C GLU A 8 -5.38 1.94 -1.65
N CYS A 9 -5.67 0.84 -0.96
CA CYS A 9 -5.25 -0.48 -1.41
C CYS A 9 -6.15 -1.57 -0.83
N LYS A 10 -6.48 -2.55 -1.66
CA LYS A 10 -7.33 -3.66 -1.24
C LYS A 10 -6.54 -4.68 -0.45
N TYR A 11 -7.13 -5.22 0.60
CA TYR A 11 -6.48 -6.21 1.44
C TYR A 11 -5.98 -7.38 0.60
N GLY A 12 -4.66 -7.49 0.48
CA GLY A 12 -4.08 -8.57 -0.30
C GLY A 12 -3.64 -8.12 -1.68
N ALA A 13 -4.32 -7.11 -2.21
CA ALA A 13 -3.99 -6.58 -3.52
C ALA A 13 -2.50 -6.25 -3.63
N ASP A 14 -1.86 -6.75 -4.68
CA ASP A 14 -0.44 -6.51 -4.91
C ASP A 14 -0.23 -5.29 -5.80
N GLU A 15 -1.32 -4.60 -6.12
CA GLU A 15 -1.25 -3.42 -6.97
C GLU A 15 -0.30 -2.38 -6.38
N CYS A 16 -0.29 -2.27 -5.05
CA CYS A 16 0.57 -1.32 -4.36
C CYS A 16 2.02 -1.47 -4.81
N CYS A 17 2.66 -0.35 -5.10
CA CYS A 17 4.05 -0.36 -5.54
C CYS A 17 4.93 -1.17 -4.58
N LYS A 18 5.89 -1.89 -5.13
CA LYS A 18 6.79 -2.71 -4.33
C LYS A 18 7.51 -1.86 -3.28
N GLY A 19 7.57 -2.37 -2.05
CA GLY A 19 8.23 -1.64 -0.98
C GLY A 19 7.26 -1.15 0.07
N TYR A 20 6.01 -0.99 -0.32
CA TYR A 20 4.97 -0.52 0.59
C TYR A 20 3.97 -1.63 0.90
N VAL A 21 3.40 -1.58 2.09
CA VAL A 21 2.42 -2.58 2.52
C VAL A 21 1.04 -1.96 2.69
N CYS A 22 0.00 -2.74 2.46
CA CYS A 22 -1.37 -2.27 2.61
C CYS A 22 -1.90 -2.53 4.01
N SER A 23 -2.20 -1.47 4.74
CA SER A 23 -2.71 -1.59 6.10
C SER A 23 -4.20 -1.93 6.10
N LYS A 24 -4.57 -2.96 6.84
CA LYS A 24 -5.96 -3.40 6.92
C LYS A 24 -6.77 -2.43 7.79
N ARG A 25 -6.15 -1.92 8.84
CA ARG A 25 -6.81 -0.98 9.74
C ARG A 25 -7.00 0.38 9.08
N ASP A 26 -5.88 1.00 8.71
CA ASP A 26 -5.92 2.32 8.07
C ASP A 26 -6.52 2.22 6.67
N GLY A 27 -6.27 1.09 6.00
CA GLY A 27 -6.79 0.89 4.66
C GLY A 27 -6.03 1.69 3.62
N TRP A 28 -4.73 1.85 3.83
CA TRP A 28 -3.89 2.60 2.90
C TRP A 28 -2.51 1.96 2.78
N CYS A 29 -1.73 2.45 1.83
CA CYS A 29 -0.38 1.92 1.60
C CYS A 29 0.64 2.70 2.42
N LYS A 30 1.44 1.98 3.21
CA LYS A 30 2.46 2.59 4.05
C LYS A 30 3.78 1.83 3.94
N TYR A 31 4.75 2.22 4.77
CA TYR A 31 6.05 1.58 4.76
C TYR A 31 6.49 1.23 6.18
N HIS A 32 7.47 0.33 6.30
CA HIS A 32 7.97 -0.08 7.60
C HIS A 32 9.43 0.34 7.77
N ILE A 33 10.17 0.34 6.67
CA ILE A 33 11.58 0.72 6.70
C ILE A 33 11.74 2.22 6.96
N ASN A 34 12.65 2.55 7.87
CA ASN A 34 12.90 3.95 8.21
C ASN A 34 13.28 4.76 6.98
N SER A 1 1.81 -1.30 -13.61
CA SER A 1 2.09 -0.05 -12.90
C SER A 1 1.44 -0.05 -11.52
N CYS A 2 1.90 0.84 -10.65
CA CYS A 2 1.37 0.94 -9.31
C CYS A 2 0.88 2.36 -9.02
N LYS A 3 0.22 2.53 -7.88
CA LYS A 3 -0.30 3.84 -7.48
C LYS A 3 0.40 4.35 -6.23
N VAL A 4 0.32 5.65 -6.00
CA VAL A 4 0.95 6.27 -4.84
C VAL A 4 0.40 5.67 -3.54
N PRO A 5 1.20 5.76 -2.47
CA PRO A 5 0.81 5.23 -1.16
C PRO A 5 -0.30 6.05 -0.51
N PHE A 6 -0.36 7.33 -0.85
CA PHE A 6 -1.38 8.22 -0.29
C PHE A 6 -2.78 7.75 -0.69
N ASN A 7 -2.89 7.21 -1.90
CA ASN A 7 -4.17 6.73 -2.40
C ASN A 7 -4.69 5.58 -1.54
N GLU A 8 -5.74 4.92 -2.02
CA GLU A 8 -6.34 3.80 -1.30
C GLU A 8 -5.69 2.48 -1.71
N CYS A 9 -6.03 1.42 -1.00
CA CYS A 9 -5.48 0.09 -1.28
C CYS A 9 -6.37 -1.00 -0.69
N LYS A 10 -6.52 -2.10 -1.43
CA LYS A 10 -7.34 -3.22 -0.98
C LYS A 10 -6.50 -4.23 -0.21
N TYR A 11 -7.13 -4.91 0.74
CA TYR A 11 -6.44 -5.91 1.55
C TYR A 11 -5.94 -7.06 0.69
N GLY A 12 -4.62 -7.15 0.54
CA GLY A 12 -4.02 -8.21 -0.26
C GLY A 12 -3.55 -7.71 -1.61
N ALA A 13 -4.20 -6.67 -2.12
CA ALA A 13 -3.84 -6.10 -3.42
C ALA A 13 -2.34 -5.80 -3.48
N ASP A 14 -1.63 -6.52 -4.33
CA ASP A 14 -0.20 -6.32 -4.49
C ASP A 14 0.10 -5.33 -5.61
N GLU A 15 -0.96 -4.74 -6.16
CA GLU A 15 -0.81 -3.77 -7.25
C GLU A 15 0.09 -2.62 -6.84
N CYS A 16 0.02 -2.24 -5.56
CA CYS A 16 0.84 -1.16 -5.04
C CYS A 16 2.31 -1.38 -5.37
N CYS A 17 3.10 -0.30 -5.31
CA CYS A 17 4.52 -0.38 -5.61
C CYS A 17 5.23 -1.28 -4.61
N LYS A 18 6.09 -2.16 -5.12
CA LYS A 18 6.85 -3.08 -4.28
C LYS A 18 7.60 -2.34 -3.19
N GLY A 19 7.87 -3.03 -2.09
CA GLY A 19 8.59 -2.41 -0.99
C GLY A 19 7.67 -1.65 -0.05
N TYR A 20 6.38 -1.95 -0.13
CA TYR A 20 5.39 -1.28 0.72
C TYR A 20 4.28 -2.25 1.11
N VAL A 21 3.72 -2.04 2.30
CA VAL A 21 2.64 -2.89 2.81
C VAL A 21 1.36 -2.08 3.01
N CYS A 22 0.23 -2.72 2.75
CA CYS A 22 -1.08 -2.06 2.91
C CYS A 22 -1.67 -2.39 4.27
N SER A 23 -1.85 -1.36 5.10
CA SER A 23 -2.43 -1.53 6.43
C SER A 23 -3.90 -1.91 6.35
N LYS A 24 -4.27 -2.97 7.05
CA LYS A 24 -5.66 -3.44 7.06
C LYS A 24 -6.54 -2.48 7.84
N ARG A 25 -6.00 -1.92 8.92
CA ARG A 25 -6.74 -0.99 9.76
C ARG A 25 -7.12 0.26 8.97
N ASP A 26 -6.12 1.00 8.52
CA ASP A 26 -6.34 2.22 7.76
C ASP A 26 -6.93 1.91 6.39
N GLY A 27 -6.53 0.77 5.82
CA GLY A 27 -7.04 0.38 4.52
C GLY A 27 -6.38 1.14 3.39
N TRP A 28 -5.08 1.38 3.52
CA TRP A 28 -4.33 2.11 2.50
C TRP A 28 -2.91 1.55 2.36
N CYS A 29 -2.21 1.99 1.33
CA CYS A 29 -0.84 1.53 1.08
C CYS A 29 0.17 2.44 1.77
N LYS A 30 1.09 1.84 2.51
CA LYS A 30 2.12 2.59 3.22
C LYS A 30 3.37 1.74 3.43
N TYR A 31 4.32 2.27 4.19
CA TYR A 31 5.56 1.57 4.47
C TYR A 31 5.55 0.98 5.88
N HIS A 32 6.65 0.32 6.25
CA HIS A 32 6.77 -0.29 7.57
C HIS A 32 8.23 -0.43 7.97
N ILE A 33 8.52 -0.09 9.23
CA ILE A 33 9.88 -0.18 9.73
C ILE A 33 10.02 -1.30 10.75
N ASN A 34 11.16 -1.98 10.74
CA ASN A 34 11.41 -3.09 11.65
C ASN A 34 12.69 -2.84 12.46
N SER A 1 3.19 -1.65 -13.15
CA SER A 1 2.37 -0.47 -12.90
C SER A 1 1.81 -0.50 -11.47
N CYS A 2 2.04 0.58 -10.74
CA CYS A 2 1.56 0.70 -9.36
C CYS A 2 0.96 2.07 -9.10
N LYS A 3 0.33 2.23 -7.95
CA LYS A 3 -0.30 3.49 -7.58
C LYS A 3 0.41 4.11 -6.37
N VAL A 4 0.28 5.43 -6.23
CA VAL A 4 0.91 6.14 -5.13
C VAL A 4 0.41 5.61 -3.78
N PRO A 5 1.23 5.80 -2.73
CA PRO A 5 0.89 5.36 -1.38
C PRO A 5 -0.24 6.16 -0.77
N PHE A 6 -0.33 7.43 -1.14
CA PHE A 6 -1.38 8.31 -0.62
C PHE A 6 -2.76 7.76 -0.94
N ASN A 7 -2.89 7.13 -2.12
CA ASN A 7 -4.16 6.56 -2.55
C ASN A 7 -4.61 5.47 -1.58
N GLU A 8 -5.64 4.72 -1.99
CA GLU A 8 -6.17 3.65 -1.15
C GLU A 8 -5.53 2.31 -1.52
N CYS A 9 -5.63 1.34 -0.61
CA CYS A 9 -5.07 0.02 -0.84
C CYS A 9 -5.96 -1.06 -0.23
N LYS A 10 -6.22 -2.11 -1.00
CA LYS A 10 -7.06 -3.21 -0.54
C LYS A 10 -6.20 -4.36 -0.02
N TYR A 11 -6.67 -5.00 1.03
CA TYR A 11 -5.95 -6.12 1.62
C TYR A 11 -5.59 -7.17 0.56
N GLY A 12 -4.30 -7.43 0.42
CA GLY A 12 -3.84 -8.41 -0.55
C GLY A 12 -3.48 -7.77 -1.88
N ALA A 13 -4.13 -6.65 -2.19
CA ALA A 13 -3.86 -5.95 -3.44
C ALA A 13 -2.37 -5.67 -3.62
N ASP A 14 -1.75 -6.36 -4.57
CA ASP A 14 -0.33 -6.18 -4.83
C ASP A 14 -0.09 -5.08 -5.86
N GLU A 15 -1.17 -4.39 -6.24
CA GLU A 15 -1.08 -3.32 -7.22
C GLU A 15 -0.09 -2.25 -6.76
N CYS A 16 -0.06 -2.01 -5.45
CA CYS A 16 0.84 -1.01 -4.89
C CYS A 16 2.28 -1.24 -5.34
N CYS A 17 3.12 -0.24 -5.16
CA CYS A 17 4.53 -0.34 -5.56
C CYS A 17 5.30 -1.23 -4.58
N LYS A 18 6.16 -2.08 -5.13
CA LYS A 18 6.95 -2.99 -4.31
C LYS A 18 7.70 -2.23 -3.22
N GLY A 19 7.72 -2.80 -2.02
CA GLY A 19 8.40 -2.16 -0.91
C GLY A 19 7.43 -1.66 0.15
N TYR A 20 6.19 -1.41 -0.25
CA TYR A 20 5.17 -0.93 0.67
C TYR A 20 4.28 -2.07 1.15
N VAL A 21 3.59 -1.85 2.26
CA VAL A 21 2.69 -2.86 2.82
C VAL A 21 1.27 -2.33 2.93
N CYS A 22 0.30 -3.22 2.75
CA CYS A 22 -1.12 -2.84 2.84
C CYS A 22 -1.65 -3.06 4.26
N SER A 23 -2.17 -2.00 4.85
CA SER A 23 -2.71 -2.07 6.21
C SER A 23 -4.23 -2.18 6.17
N LYS A 24 -4.77 -3.16 6.89
CA LYS A 24 -6.21 -3.37 6.95
C LYS A 24 -6.87 -2.33 7.85
N ARG A 25 -6.22 -2.02 8.96
CA ARG A 25 -6.76 -1.04 9.91
C ARG A 25 -7.07 0.27 9.21
N ASP A 26 -6.03 0.91 8.66
CA ASP A 26 -6.19 2.18 7.96
C ASP A 26 -6.80 1.97 6.58
N GLY A 27 -6.46 0.84 5.96
CA GLY A 27 -6.97 0.54 4.64
C GLY A 27 -6.28 1.33 3.55
N TRP A 28 -4.98 1.57 3.73
CA TRP A 28 -4.20 2.32 2.75
C TRP A 28 -2.79 1.76 2.62
N CYS A 29 -2.06 2.24 1.63
CA CYS A 29 -0.69 1.77 1.40
C CYS A 29 0.30 2.66 2.14
N LYS A 30 1.15 2.03 2.95
CA LYS A 30 2.16 2.76 3.72
C LYS A 30 3.37 3.09 2.86
N TYR A 31 4.35 3.77 3.45
CA TYR A 31 5.55 4.14 2.73
C TYR A 31 6.71 3.21 3.08
N HIS A 32 7.89 3.52 2.55
CA HIS A 32 9.07 2.71 2.80
C HIS A 32 10.30 3.59 3.05
N ILE A 33 11.02 3.30 4.12
CA ILE A 33 12.22 4.07 4.48
C ILE A 33 13.41 3.62 3.65
N ASN A 34 14.34 4.54 3.41
CA ASN A 34 15.55 4.23 2.64
C ASN A 34 16.31 3.07 3.27
N SER A 1 2.06 -2.16 -13.26
CA SER A 1 1.88 -0.77 -12.86
C SER A 1 1.33 -0.68 -11.44
N CYS A 2 1.87 0.24 -10.66
CA CYS A 2 1.43 0.44 -9.28
C CYS A 2 0.86 1.83 -9.07
N LYS A 3 0.26 2.05 -7.91
CA LYS A 3 -0.33 3.35 -7.59
C LYS A 3 0.41 4.02 -6.43
N VAL A 4 0.24 5.32 -6.31
CA VAL A 4 0.90 6.08 -5.24
C VAL A 4 0.46 5.57 -3.88
N PRO A 5 1.31 5.80 -2.86
CA PRO A 5 1.03 5.37 -1.49
C PRO A 5 -0.09 6.16 -0.84
N PHE A 6 -0.24 7.42 -1.26
CA PHE A 6 -1.28 8.29 -0.73
C PHE A 6 -2.66 7.72 -1.02
N ASN A 7 -2.79 7.08 -2.17
CA ASN A 7 -4.07 6.48 -2.57
C ASN A 7 -4.52 5.44 -1.56
N GLU A 8 -5.55 4.69 -1.92
CA GLU A 8 -6.09 3.64 -1.04
C GLU A 8 -5.77 2.26 -1.59
N CYS A 9 -5.51 1.32 -0.69
CA CYS A 9 -5.19 -0.05 -1.08
C CYS A 9 -6.16 -1.04 -0.44
N LYS A 10 -6.49 -2.09 -1.18
CA LYS A 10 -7.42 -3.12 -0.69
C LYS A 10 -6.65 -4.30 -0.11
N TYR A 11 -7.23 -4.93 0.91
CA TYR A 11 -6.60 -6.09 1.54
C TYR A 11 -6.23 -7.14 0.51
N GLY A 12 -4.93 -7.38 0.36
CA GLY A 12 -4.46 -8.36 -0.59
C GLY A 12 -4.00 -7.74 -1.90
N ALA A 13 -4.60 -6.61 -2.25
CA ALA A 13 -4.24 -5.91 -3.48
C ALA A 13 -2.74 -5.70 -3.58
N ASP A 14 -2.14 -6.27 -4.63
CA ASP A 14 -0.71 -6.14 -4.84
C ASP A 14 -0.39 -4.95 -5.74
N GLU A 15 -1.42 -4.17 -6.07
CA GLU A 15 -1.26 -3.01 -6.92
C GLU A 15 -0.23 -2.04 -6.33
N CYS A 16 -0.21 -1.95 -5.01
CA CYS A 16 0.73 -1.06 -4.33
C CYS A 16 2.16 -1.32 -4.79
N CYS A 17 2.94 -0.25 -4.90
CA CYS A 17 4.32 -0.35 -5.33
C CYS A 17 5.14 -1.17 -4.34
N LYS A 18 6.00 -2.04 -4.88
CA LYS A 18 6.85 -2.89 -4.05
C LYS A 18 7.60 -2.06 -3.02
N GLY A 19 7.89 -2.67 -1.87
CA GLY A 19 8.61 -1.97 -0.82
C GLY A 19 7.69 -1.47 0.28
N TYR A 20 6.42 -1.29 -0.05
CA TYR A 20 5.44 -0.81 0.92
C TYR A 20 4.43 -1.91 1.25
N VAL A 21 3.72 -1.74 2.36
CA VAL A 21 2.71 -2.70 2.79
C VAL A 21 1.33 -2.06 2.85
N CYS A 22 0.31 -2.86 2.61
CA CYS A 22 -1.07 -2.39 2.65
C CYS A 22 -1.73 -2.69 3.99
N SER A 23 -2.09 -1.64 4.71
CA SER A 23 -2.71 -1.79 6.01
C SER A 23 -4.11 -2.38 5.88
N LYS A 24 -4.38 -3.43 6.64
CA LYS A 24 -5.68 -4.09 6.61
C LYS A 24 -6.74 -3.25 7.32
N ARG A 25 -6.33 -2.59 8.40
CA ARG A 25 -7.23 -1.75 9.17
C ARG A 25 -7.43 -0.39 8.49
N ASP A 26 -6.33 0.31 8.24
CA ASP A 26 -6.39 1.61 7.60
C ASP A 26 -6.82 1.49 6.15
N GLY A 27 -6.42 0.39 5.51
CA GLY A 27 -6.78 0.17 4.12
C GLY A 27 -6.03 1.09 3.18
N TRP A 28 -4.77 1.37 3.49
CA TRP A 28 -3.95 2.24 2.66
C TRP A 28 -2.51 1.75 2.61
N CYS A 29 -1.71 2.37 1.76
CA CYS A 29 -0.30 2.00 1.62
C CYS A 29 0.57 2.80 2.58
N LYS A 30 1.43 2.09 3.31
CA LYS A 30 2.33 2.74 4.27
C LYS A 30 3.49 3.42 3.56
N TYR A 31 4.34 4.09 4.32
CA TYR A 31 5.49 4.79 3.76
C TYR A 31 6.78 4.04 4.07
N HIS A 32 7.90 4.59 3.60
CA HIS A 32 9.20 3.97 3.82
C HIS A 32 10.32 4.99 3.63
N ILE A 33 11.44 4.77 4.31
CA ILE A 33 12.59 5.67 4.20
C ILE A 33 13.49 5.28 3.03
N ASN A 34 14.16 6.28 2.46
CA ASN A 34 15.05 6.05 1.33
C ASN A 34 16.43 5.60 1.80
N SER A 1 0.99 -0.91 -13.94
CA SER A 1 1.79 -0.06 -13.07
C SER A 1 1.18 -0.01 -11.67
N CYS A 2 1.93 0.57 -10.72
CA CYS A 2 1.46 0.70 -9.35
C CYS A 2 0.92 2.09 -9.07
N LYS A 3 0.30 2.26 -7.91
CA LYS A 3 -0.26 3.56 -7.52
C LYS A 3 0.45 4.11 -6.30
N VAL A 4 0.40 5.43 -6.13
CA VAL A 4 1.04 6.09 -5.00
C VAL A 4 0.49 5.57 -3.68
N PRO A 5 1.28 5.69 -2.61
CA PRO A 5 0.90 5.24 -1.27
C PRO A 5 -0.20 6.10 -0.67
N PHE A 6 -0.20 7.38 -1.01
CA PHE A 6 -1.21 8.31 -0.50
C PHE A 6 -2.62 7.85 -0.86
N ASN A 7 -2.75 7.25 -2.04
CA ASN A 7 -4.05 6.76 -2.50
C ASN A 7 -4.57 5.66 -1.58
N GLU A 8 -5.63 4.98 -2.02
CA GLU A 8 -6.22 3.91 -1.23
C GLU A 8 -5.60 2.56 -1.59
N CYS A 9 -5.86 1.55 -0.77
CA CYS A 9 -5.32 0.21 -1.00
C CYS A 9 -6.29 -0.85 -0.48
N LYS A 10 -6.41 -1.94 -1.23
CA LYS A 10 -7.30 -3.03 -0.84
C LYS A 10 -6.50 -4.20 -0.27
N TYR A 11 -6.95 -4.72 0.88
CA TYR A 11 -6.27 -5.83 1.53
C TYR A 11 -6.14 -7.02 0.57
N GLY A 12 -4.89 -7.41 0.31
CA GLY A 12 -4.65 -8.53 -0.59
C GLY A 12 -4.37 -8.08 -2.01
N ALA A 13 -4.12 -6.78 -2.19
CA ALA A 13 -3.83 -6.23 -3.50
C ALA A 13 -2.35 -5.92 -3.65
N ASP A 14 -1.70 -6.58 -4.61
CA ASP A 14 -0.28 -6.37 -4.86
C ASP A 14 -0.07 -5.25 -5.87
N GLU A 15 -1.15 -4.60 -6.26
CA GLU A 15 -1.08 -3.52 -7.23
C GLU A 15 -0.13 -2.42 -6.76
N CYS A 16 -0.14 -2.16 -5.46
CA CYS A 16 0.72 -1.14 -4.87
C CYS A 16 2.18 -1.36 -5.28
N CYS A 17 3.00 -0.32 -5.14
CA CYS A 17 4.41 -0.39 -5.49
C CYS A 17 5.16 -1.30 -4.52
N LYS A 18 5.97 -2.20 -5.07
CA LYS A 18 6.75 -3.12 -4.26
C LYS A 18 7.55 -2.36 -3.19
N GLY A 19 7.53 -2.89 -1.96
CA GLY A 19 8.25 -2.26 -0.87
C GLY A 19 7.32 -1.64 0.16
N TYR A 20 6.09 -1.32 -0.26
CA TYR A 20 5.11 -0.72 0.63
C TYR A 20 4.18 -1.78 1.20
N VAL A 21 3.66 -1.52 2.40
CA VAL A 21 2.75 -2.45 3.06
C VAL A 21 1.33 -1.90 3.10
N CYS A 22 0.36 -2.79 2.93
CA CYS A 22 -1.04 -2.38 2.94
C CYS A 22 -1.66 -2.62 4.32
N SER A 23 -2.08 -1.54 4.97
CA SER A 23 -2.69 -1.63 6.29
C SER A 23 -4.08 -2.26 6.21
N LYS A 24 -4.30 -3.27 7.04
CA LYS A 24 -5.59 -3.97 7.07
C LYS A 24 -6.66 -3.11 7.74
N ARG A 25 -6.25 -2.36 8.76
CA ARG A 25 -7.17 -1.50 9.50
C ARG A 25 -7.43 -0.21 8.73
N ASP A 26 -6.35 0.51 8.41
CA ASP A 26 -6.46 1.76 7.68
C ASP A 26 -6.93 1.52 6.23
N GLY A 27 -6.49 0.40 5.67
CA GLY A 27 -6.86 0.06 4.31
C GLY A 27 -6.20 0.96 3.28
N TRP A 28 -4.92 1.27 3.52
CA TRP A 28 -4.17 2.13 2.61
C TRP A 28 -2.72 1.65 2.50
N CYS A 29 -1.98 2.24 1.56
CA CYS A 29 -0.58 1.89 1.36
C CYS A 29 0.34 2.76 2.21
N LYS A 30 1.18 2.13 3.00
CA LYS A 30 2.12 2.86 3.86
C LYS A 30 3.52 2.88 3.25
N TYR A 31 4.34 3.83 3.70
CA TYR A 31 5.69 3.96 3.19
C TYR A 31 6.70 4.04 4.34
N HIS A 32 7.80 3.32 4.20
CA HIS A 32 8.85 3.31 5.22
C HIS A 32 9.99 4.24 4.84
N ILE A 33 10.68 4.76 5.86
CA ILE A 33 11.80 5.67 5.62
C ILE A 33 13.01 4.92 5.11
N ASN A 34 13.82 5.59 4.30
CA ASN A 34 15.02 4.99 3.73
C ASN A 34 16.10 4.81 4.81
N SER A 1 2.69 -1.42 -13.58
CA SER A 1 2.59 -0.10 -12.97
C SER A 1 2.11 -0.20 -11.52
N CYS A 2 2.15 0.92 -10.82
CA CYS A 2 1.73 0.95 -9.43
C CYS A 2 1.07 2.30 -9.09
N LYS A 3 0.48 2.39 -7.91
CA LYS A 3 -0.18 3.60 -7.46
C LYS A 3 0.53 4.19 -6.24
N VAL A 4 0.34 5.49 -6.02
CA VAL A 4 0.95 6.17 -4.89
C VAL A 4 0.50 5.55 -3.57
N PRO A 5 1.33 5.71 -2.53
CA PRO A 5 1.06 5.17 -1.19
C PRO A 5 -0.10 5.89 -0.51
N PHE A 6 -0.26 7.17 -0.83
CA PHE A 6 -1.32 7.97 -0.24
C PHE A 6 -2.70 7.41 -0.60
N ASN A 7 -2.80 6.85 -1.80
CA ASN A 7 -4.05 6.26 -2.26
C ASN A 7 -4.51 5.13 -1.34
N GLU A 8 -5.52 4.39 -1.77
CA GLU A 8 -6.04 3.27 -0.99
C GLU A 8 -5.67 1.94 -1.62
N CYS A 9 -5.56 0.91 -0.80
CA CYS A 9 -5.21 -0.42 -1.28
C CYS A 9 -6.08 -1.49 -0.62
N LYS A 10 -6.49 -2.48 -1.39
CA LYS A 10 -7.31 -3.56 -0.88
C LYS A 10 -6.46 -4.64 -0.21
N TYR A 11 -6.97 -5.20 0.89
CA TYR A 11 -6.25 -6.24 1.62
C TYR A 11 -5.84 -7.37 0.68
N GLY A 12 -4.54 -7.53 0.49
CA GLY A 12 -4.04 -8.57 -0.38
C GLY A 12 -3.62 -8.06 -1.74
N ALA A 13 -4.26 -6.98 -2.18
CA ALA A 13 -3.95 -6.39 -3.47
C ALA A 13 -2.46 -6.12 -3.62
N ASP A 14 -1.87 -6.62 -4.70
CA ASP A 14 -0.46 -6.44 -4.96
C ASP A 14 -0.20 -5.21 -5.82
N GLU A 15 -1.27 -4.47 -6.10
CA GLU A 15 -1.17 -3.26 -6.92
C GLU A 15 -0.16 -2.29 -6.33
N CYS A 16 -0.12 -2.21 -5.01
CA CYS A 16 0.80 -1.32 -4.32
C CYS A 16 2.23 -1.52 -4.81
N CYS A 17 2.93 -0.42 -5.08
CA CYS A 17 4.30 -0.49 -5.56
C CYS A 17 5.18 -1.31 -4.61
N LYS A 18 6.11 -2.06 -5.16
CA LYS A 18 7.01 -2.88 -4.37
C LYS A 18 7.69 -2.06 -3.28
N GLY A 19 7.73 -2.61 -2.07
CA GLY A 19 8.35 -1.92 -0.96
C GLY A 19 7.33 -1.39 0.04
N TYR A 20 6.11 -1.18 -0.42
CA TYR A 20 5.04 -0.68 0.44
C TYR A 20 4.07 -1.79 0.80
N VAL A 21 3.46 -1.68 1.98
CA VAL A 21 2.50 -2.67 2.45
C VAL A 21 1.12 -2.06 2.62
N CYS A 22 0.09 -2.86 2.37
CA CYS A 22 -1.29 -2.40 2.50
C CYS A 22 -1.83 -2.68 3.89
N SER A 23 -2.16 -1.61 4.61
CA SER A 23 -2.69 -1.72 5.96
C SER A 23 -4.20 -1.89 5.95
N LYS A 24 -4.69 -2.91 6.65
CA LYS A 24 -6.12 -3.18 6.72
C LYS A 24 -6.82 -2.20 7.66
N ARG A 25 -6.16 -1.89 8.78
CA ARG A 25 -6.72 -0.96 9.76
C ARG A 25 -6.97 0.41 9.13
N ASP A 26 -5.90 1.05 8.67
CA ASP A 26 -6.01 2.36 8.05
C ASP A 26 -6.61 2.25 6.66
N GLY A 27 -6.32 1.15 5.97
CA GLY A 27 -6.83 0.95 4.63
C GLY A 27 -6.08 1.76 3.59
N TRP A 28 -4.78 1.89 3.78
CA TRP A 28 -3.95 2.66 2.85
C TRP A 28 -2.57 2.01 2.70
N CYS A 29 -1.80 2.48 1.73
CA CYS A 29 -0.47 1.95 1.48
C CYS A 29 0.59 2.72 2.28
N LYS A 30 1.39 1.98 3.04
CA LYS A 30 2.43 2.58 3.86
C LYS A 30 3.76 1.87 3.65
N TYR A 31 4.74 2.20 4.50
CA TYR A 31 6.06 1.58 4.40
C TYR A 31 6.47 0.98 5.74
N HIS A 32 7.63 0.33 5.75
CA HIS A 32 8.14 -0.30 6.97
C HIS A 32 9.65 -0.11 7.08
N ILE A 33 10.18 -0.35 8.27
CA ILE A 33 11.62 -0.21 8.51
C ILE A 33 12.37 -1.47 8.10
N ASN A 34 13.56 -1.28 7.54
CA ASN A 34 14.38 -2.41 7.10
C ASN A 34 14.90 -3.20 8.29
N SER A 1 3.42 0.44 -12.88
CA SER A 1 2.63 -0.74 -12.59
C SER A 1 2.15 -0.74 -11.14
N CYS A 2 1.83 0.44 -10.63
CA CYS A 2 1.36 0.58 -9.27
C CYS A 2 0.78 1.97 -9.03
N LYS A 3 0.16 2.16 -7.86
CA LYS A 3 -0.43 3.44 -7.51
C LYS A 3 0.27 4.06 -6.31
N VAL A 4 0.14 5.37 -6.16
CA VAL A 4 0.76 6.08 -5.04
C VAL A 4 0.26 5.54 -3.70
N PRO A 5 1.08 5.72 -2.66
CA PRO A 5 0.74 5.26 -1.30
C PRO A 5 -0.39 6.06 -0.68
N PHE A 6 -0.46 7.34 -1.03
CA PHE A 6 -1.50 8.22 -0.50
C PHE A 6 -2.89 7.68 -0.84
N ASN A 7 -3.02 7.08 -2.02
CA ASN A 7 -4.29 6.54 -2.47
C ASN A 7 -4.74 5.40 -1.55
N GLU A 8 -5.78 4.69 -1.98
CA GLU A 8 -6.31 3.58 -1.19
C GLU A 8 -5.71 2.26 -1.63
N CYS A 9 -5.83 1.24 -0.78
CA CYS A 9 -5.28 -0.08 -1.09
C CYS A 9 -6.33 -1.16 -0.82
N LYS A 10 -6.37 -2.16 -1.69
CA LYS A 10 -7.32 -3.27 -1.54
C LYS A 10 -6.68 -4.44 -0.81
N TYR A 11 -7.44 -5.04 0.11
CA TYR A 11 -6.95 -6.17 0.88
C TYR A 11 -6.41 -7.26 -0.03
N GLY A 12 -5.10 -7.49 0.02
CA GLY A 12 -4.49 -8.51 -0.81
C GLY A 12 -3.96 -7.95 -2.12
N ALA A 13 -4.58 -6.89 -2.60
CA ALA A 13 -4.17 -6.26 -3.86
C ALA A 13 -2.68 -5.96 -3.84
N ASP A 14 -1.96 -6.51 -4.81
CA ASP A 14 -0.52 -6.30 -4.92
C ASP A 14 -0.21 -5.11 -5.81
N GLU A 15 -1.27 -4.41 -6.24
CA GLU A 15 -1.10 -3.24 -7.09
C GLU A 15 -0.18 -2.21 -6.45
N CYS A 16 -0.27 -2.09 -5.13
CA CYS A 16 0.56 -1.15 -4.39
C CYS A 16 2.03 -1.31 -4.75
N CYS A 17 2.72 -0.19 -4.95
CA CYS A 17 4.13 -0.20 -5.29
C CYS A 17 4.92 -1.07 -4.32
N LYS A 18 5.65 -2.04 -4.86
CA LYS A 18 6.46 -2.93 -4.04
C LYS A 18 7.36 -2.15 -3.09
N GLY A 19 7.73 -2.76 -1.97
CA GLY A 19 8.58 -2.11 -1.00
C GLY A 19 7.81 -1.62 0.21
N TYR A 20 6.52 -1.41 0.04
CA TYR A 20 5.67 -0.93 1.12
C TYR A 20 4.65 -2.00 1.53
N VAL A 21 4.08 -1.85 2.72
CA VAL A 21 3.08 -2.79 3.21
C VAL A 21 1.70 -2.16 3.25
N CYS A 22 0.68 -2.96 2.94
CA CYS A 22 -0.70 -2.49 2.94
C CYS A 22 -1.39 -2.82 4.26
N SER A 23 -1.85 -1.78 4.95
CA SER A 23 -2.53 -1.96 6.23
C SER A 23 -4.03 -2.14 6.02
N LYS A 24 -4.59 -3.18 6.62
CA LYS A 24 -6.01 -3.46 6.52
C LYS A 24 -6.83 -2.43 7.27
N ARG A 25 -6.30 -1.97 8.40
CA ARG A 25 -6.98 -0.98 9.22
C ARG A 25 -6.94 0.40 8.56
N ASP A 26 -5.74 0.81 8.15
CA ASP A 26 -5.55 2.10 7.51
C ASP A 26 -6.21 2.12 6.13
N GLY A 27 -6.07 1.02 5.40
CA GLY A 27 -6.65 0.92 4.08
C GLY A 27 -5.79 1.58 3.01
N TRP A 28 -4.56 1.91 3.39
CA TRP A 28 -3.63 2.55 2.46
C TRP A 28 -2.21 2.07 2.71
N CYS A 29 -1.37 2.14 1.68
CA CYS A 29 0.02 1.70 1.77
C CYS A 29 0.76 2.52 2.82
N LYS A 30 1.59 1.85 3.61
CA LYS A 30 2.37 2.51 4.65
C LYS A 30 3.70 3.02 4.11
N TYR A 31 4.39 3.83 4.90
CA TYR A 31 5.68 4.39 4.49
C TYR A 31 6.83 3.60 5.12
N HIS A 32 7.90 3.42 4.34
CA HIS A 32 9.06 2.69 4.83
C HIS A 32 10.14 3.66 5.32
N ILE A 33 10.73 3.34 6.47
CA ILE A 33 11.77 4.18 7.05
C ILE A 33 13.13 3.86 6.44
N ASN A 34 14.01 4.86 6.39
CA ASN A 34 15.35 4.67 5.84
C ASN A 34 16.25 3.94 6.83
N SER A 1 2.16 -0.11 -13.26
CA SER A 1 3.00 -0.90 -12.37
C SER A 1 2.48 -0.84 -10.93
N CYS A 2 2.51 0.37 -10.35
CA CYS A 2 2.04 0.56 -8.99
C CYS A 2 1.33 1.90 -8.85
N LYS A 3 0.70 2.12 -7.70
CA LYS A 3 -0.01 3.36 -7.43
C LYS A 3 0.61 4.11 -6.26
N VAL A 4 0.41 5.42 -6.22
CA VAL A 4 0.95 6.25 -5.15
C VAL A 4 0.42 5.80 -3.79
N PRO A 5 1.17 6.12 -2.73
CA PRO A 5 0.80 5.75 -1.36
C PRO A 5 -0.40 6.54 -0.85
N PHE A 6 -0.52 7.79 -1.33
CA PHE A 6 -1.63 8.65 -0.92
C PHE A 6 -2.97 8.01 -1.26
N ASN A 7 -3.01 7.29 -2.38
CA ASN A 7 -4.24 6.63 -2.82
C ASN A 7 -4.70 5.62 -1.79
N GLU A 8 -5.68 4.79 -2.16
CA GLU A 8 -6.22 3.78 -1.27
C GLU A 8 -5.80 2.38 -1.73
N CYS A 9 -5.77 1.44 -0.79
CA CYS A 9 -5.39 0.06 -1.09
C CYS A 9 -6.38 -0.92 -0.47
N LYS A 10 -6.69 -1.98 -1.22
CA LYS A 10 -7.62 -3.00 -0.75
C LYS A 10 -6.88 -4.19 -0.17
N TYR A 11 -7.45 -4.79 0.86
CA TYR A 11 -6.85 -5.95 1.51
C TYR A 11 -6.55 -7.05 0.50
N GLY A 12 -5.27 -7.38 0.35
CA GLY A 12 -4.87 -8.41 -0.59
C GLY A 12 -4.59 -7.86 -1.97
N ALA A 13 -4.47 -6.54 -2.07
CA ALA A 13 -4.19 -5.89 -3.34
C ALA A 13 -2.70 -5.75 -3.58
N ASP A 14 -2.22 -6.22 -4.72
CA ASP A 14 -0.81 -6.15 -5.06
C ASP A 14 -0.49 -4.82 -5.75
N GLU A 15 -1.47 -3.94 -5.81
CA GLU A 15 -1.29 -2.63 -6.44
C GLU A 15 -0.14 -1.87 -5.79
N CYS A 16 0.00 -2.04 -4.48
CA CYS A 16 1.07 -1.37 -3.74
C CYS A 16 2.42 -1.62 -4.39
N CYS A 17 3.16 -0.53 -4.65
CA CYS A 17 4.47 -0.63 -5.27
C CYS A 17 5.40 -1.51 -4.45
N LYS A 18 6.40 -2.08 -5.10
CA LYS A 18 7.36 -2.96 -4.44
C LYS A 18 8.02 -2.24 -3.26
N GLY A 19 7.96 -2.87 -2.09
CA GLY A 19 8.55 -2.28 -0.90
C GLY A 19 7.51 -1.76 0.07
N TYR A 20 6.32 -1.46 -0.44
CA TYR A 20 5.24 -0.95 0.39
C TYR A 20 4.32 -2.09 0.84
N VAL A 21 3.54 -1.82 1.89
CA VAL A 21 2.61 -2.82 2.42
C VAL A 21 1.22 -2.23 2.59
N CYS A 22 0.21 -3.07 2.45
CA CYS A 22 -1.17 -2.65 2.59
C CYS A 22 -1.67 -2.82 4.03
N SER A 23 -2.00 -1.70 4.68
CA SER A 23 -2.48 -1.74 6.06
C SER A 23 -3.86 -2.37 6.15
N LYS A 24 -4.01 -3.34 7.03
CA LYS A 24 -5.29 -4.01 7.21
C LYS A 24 -6.27 -3.14 7.99
N ARG A 25 -5.74 -2.40 8.96
CA ARG A 25 -6.56 -1.51 9.77
C ARG A 25 -6.89 -0.22 9.03
N ASP A 26 -5.86 0.47 8.58
CA ASP A 26 -6.02 1.73 7.85
C ASP A 26 -6.64 1.47 6.48
N GLY A 27 -6.29 0.33 5.88
CA GLY A 27 -6.82 0.00 4.58
C GLY A 27 -6.24 0.86 3.47
N TRP A 28 -4.96 1.19 3.59
CA TRP A 28 -4.29 2.02 2.60
C TRP A 28 -2.85 1.56 2.38
N CYS A 29 -2.19 2.12 1.37
CA CYS A 29 -0.81 1.77 1.06
C CYS A 29 0.16 2.59 1.90
N LYS A 30 1.05 1.91 2.60
CA LYS A 30 2.04 2.57 3.44
C LYS A 30 3.30 2.91 2.63
N TYR A 31 4.18 3.71 3.23
CA TYR A 31 5.42 4.11 2.58
C TYR A 31 6.63 3.83 3.47
N HIS A 32 7.72 3.38 2.87
CA HIS A 32 8.93 3.08 3.61
C HIS A 32 10.05 4.07 3.25
N ILE A 33 10.90 4.38 4.21
CA ILE A 33 12.01 5.30 3.99
C ILE A 33 13.31 4.54 3.74
N ASN A 34 14.14 5.09 2.85
CA ASN A 34 15.42 4.46 2.52
C ASN A 34 16.57 5.20 3.21
#